data_9GEK
#
_entry.id   9GEK
#
_cell.length_a   80.058
_cell.length_b   88.315
_cell.length_c   114.809
_cell.angle_alpha   90.00
_cell.angle_beta   90.00
_cell.angle_gamma   90.00
#
_symmetry.space_group_name_H-M   'P 2 21 21'
#
loop_
_entity.id
_entity.type
_entity.pdbx_description
1 polymer 'Maltose/maltodextrin-binding periplasmic protein,FAST kinase domain-containing protein 4,FAST kinase domain-containing protein 4'
2 non-polymer 3,6,9,12,15,18-HEXAOXAICOSANE-1,20-DIOL
3 non-polymer 'PHOSPHATE ION'
4 non-polymer alpha-D-glucopyranose
5 non-polymer beta-D-fructofuranose
6 water water
#
_entity_poly.entity_id   1
_entity_poly.type   'polypeptide(L)'
_entity_poly.pdbx_seq_one_letter_code
;MKIKTGARILALSALTTMMFSASALAKTEEGKLVIWINGDKGYNGLAEVGKKFEKDTGIKVTVEHPDKLEEKFPQVAATG
DGPDIIFWAHDRFGGYAQSGLLAEITPDKAFQDKLYPFTWDAVRYNGKLIAYPIAVEALSLIYNKDLLPNPPKTWEEIPA
LDKELKAKGKSALMFNLQEPYFTWPLIAADGGYAFKYENGKYDIKDVGVDNAGAKAGLTFLVDLIKNKHMNADTDYSIAE
AAFNKGETAMTINGPWAWSNIDTSKVNYGVTVLPTFKGQPSKPFVGVLSAGINAASPNKELAKEFLENYLLTDEGLEAVN
KDKPLGAVALKSYEEELAKDPRIAATMENAQKGEIMPNIPQMSAFWYAVRTAVINAASGRQTVDEALKDAQTGTQTQVSQ
RLATDLLSLMPSLTSGEVAHCAKSFALLKWLSLPLFEAFAQHVLNRAQDITLPHLCSVLLAFARLNFHPDQEDQFFSLVH
EKLGSELPGLEPALQVDLVWALCVLQQAREAELQAVLHPEFHIQFLGGKSQKDQNTFQKLLHINATALLEYPEYSGPLLP
ASAVAPGPSALDDKVTPLQKELQETLKGLLGSADKGSLEVATQYGWVLDAEVLLDSDGEFLPVRDFVAPHLAQPTGSQSP
PPGSKRLAFLRWEFPNFNSRSKDLLGRFVLARRHIVAAGFLIVDVPFYEWLELKSEWQKGAYLKDKMRKAVAEELAKLEH
HHHHH
;
_entity_poly.pdbx_strand_id   A
#
# COMPACT_ATOMS: atom_id res chain seq x y z
N THR A 28 -16.22 27.00 -27.56
CA THR A 28 -17.51 27.47 -26.98
C THR A 28 -18.01 28.72 -27.72
N GLU A 29 -17.71 28.77 -29.02
CA GLU A 29 -18.17 29.86 -29.89
C GLU A 29 -18.56 29.27 -31.23
N GLU A 30 -19.77 29.60 -31.70
CA GLU A 30 -20.28 29.00 -32.93
C GLU A 30 -19.53 29.53 -34.14
N GLY A 31 -19.30 28.64 -35.11
CA GLY A 31 -18.66 29.00 -36.35
C GLY A 31 -17.16 28.81 -36.40
N LYS A 32 -16.52 28.52 -35.27
CA LYS A 32 -15.08 28.30 -35.22
C LYS A 32 -14.81 27.09 -34.34
N LEU A 33 -13.55 26.63 -34.37
CA LEU A 33 -13.10 25.53 -33.52
C LEU A 33 -11.86 25.98 -32.75
N VAL A 34 -11.90 25.78 -31.44
CA VAL A 34 -10.77 26.07 -30.55
C VAL A 34 -10.31 24.75 -29.96
N ILE A 35 -9.01 24.48 -30.05
CA ILE A 35 -8.44 23.19 -29.68
C ILE A 35 -7.34 23.41 -28.67
N TRP A 36 -7.43 22.71 -27.54
CA TRP A 36 -6.37 22.69 -26.54
C TRP A 36 -5.57 21.39 -26.68
N ILE A 37 -4.25 21.53 -26.62
CA ILE A 37 -3.34 20.40 -26.69
C ILE A 37 -2.07 20.78 -25.94
N ASN A 38 -1.45 19.79 -25.30
CA ASN A 38 -0.29 20.06 -24.46
C ASN A 38 0.85 20.65 -25.30
N GLY A 39 1.77 21.32 -24.61
CA GLY A 39 2.83 22.05 -25.29
C GLY A 39 3.91 21.18 -25.89
N ASP A 40 4.09 19.98 -25.35
CA ASP A 40 5.10 19.06 -25.88
C ASP A 40 4.63 18.31 -27.12
N LYS A 41 3.38 18.47 -27.53
CA LYS A 41 2.88 17.84 -28.73
C LYS A 41 3.10 18.75 -29.94
N GLY A 42 2.83 18.21 -31.12
CA GLY A 42 3.00 18.97 -32.35
C GLY A 42 1.81 19.86 -32.66
N TYR A 43 1.58 20.86 -31.81
CA TYR A 43 0.42 21.73 -32.00
C TYR A 43 0.53 22.53 -33.29
N ASN A 44 1.76 22.83 -33.74
CA ASN A 44 1.90 23.54 -35.01
C ASN A 44 1.48 22.66 -36.18
N GLY A 45 1.92 21.40 -36.20
CA GLY A 45 1.42 20.47 -37.19
C GLY A 45 -0.08 20.28 -37.11
N LEU A 46 -0.63 20.33 -35.89
CA LEU A 46 -2.08 20.28 -35.74
C LEU A 46 -2.73 21.50 -36.36
N ALA A 47 -2.11 22.67 -36.21
CA ALA A 47 -2.66 23.89 -36.81
C ALA A 47 -2.70 23.78 -38.33
N GLU A 48 -1.71 23.12 -38.93
CA GLU A 48 -1.73 22.93 -40.37
C GLU A 48 -2.96 22.15 -40.79
N VAL A 49 -3.39 21.18 -39.97
CA VAL A 49 -4.63 20.47 -40.25
C VAL A 49 -5.81 21.43 -40.16
N GLY A 50 -5.80 22.32 -39.17
CA GLY A 50 -6.86 23.30 -39.06
C GLY A 50 -6.92 24.22 -40.27
N LYS A 51 -5.76 24.58 -40.81
CA LYS A 51 -5.74 25.45 -41.98
C LYS A 51 -6.33 24.76 -43.20
N LYS A 52 -6.05 23.46 -43.37
CA LYS A 52 -6.69 22.73 -44.46
C LYS A 52 -8.18 22.56 -44.20
N PHE A 53 -8.59 22.43 -42.93
CA PHE A 53 -10.01 22.34 -42.61
C PHE A 53 -10.72 23.64 -43.00
N GLU A 54 -10.16 24.78 -42.61
CA GLU A 54 -10.74 26.05 -43.01
C GLU A 54 -10.80 26.18 -44.54
N LYS A 55 -9.72 25.79 -45.21
CA LYS A 55 -9.68 25.91 -46.67
C LYS A 55 -10.87 25.22 -47.33
N ASP A 56 -11.23 24.04 -46.84
CA ASP A 56 -12.31 23.27 -47.45
C ASP A 56 -13.69 23.65 -46.89
N THR A 57 -13.78 23.93 -45.59
CA THR A 57 -15.07 24.23 -44.97
C THR A 57 -15.28 25.72 -44.74
N GLY A 58 -14.23 26.52 -44.69
CA GLY A 58 -14.35 27.92 -44.34
C GLY A 58 -14.41 28.19 -42.86
N ILE A 59 -14.20 27.18 -42.02
CA ILE A 59 -14.26 27.30 -40.57
C ILE A 59 -12.83 27.44 -40.05
N LYS A 60 -12.54 28.58 -39.42
CA LYS A 60 -11.22 28.81 -38.85
C LYS A 60 -11.00 27.90 -37.64
N VAL A 61 -9.79 27.34 -37.55
CA VAL A 61 -9.42 26.43 -36.48
C VAL A 61 -8.22 27.01 -35.75
N THR A 62 -8.39 27.24 -34.45
CA THR A 62 -7.34 27.79 -33.60
C THR A 62 -6.86 26.74 -32.62
N VAL A 63 -5.55 26.62 -32.47
CA VAL A 63 -4.92 25.65 -31.59
C VAL A 63 -4.19 26.40 -30.48
N GLU A 64 -4.45 26.02 -29.24
CA GLU A 64 -3.81 26.63 -28.09
C GLU A 64 -3.18 25.55 -27.22
N HIS A 65 -2.10 25.90 -26.54
CA HIS A 65 -1.43 25.03 -25.58
C HIS A 65 -1.29 25.77 -24.25
N PRO A 66 -2.41 26.02 -23.58
CA PRO A 66 -2.34 26.68 -22.26
C PRO A 66 -1.67 25.78 -21.24
N ASP A 67 -0.89 26.40 -20.35
CA ASP A 67 -0.18 25.64 -19.33
C ASP A 67 -1.17 25.03 -18.34
N LYS A 68 -0.92 23.78 -17.97
CA LYS A 68 -1.78 23.05 -17.02
C LYS A 68 -3.23 22.99 -17.54
N LEU A 69 -3.38 22.70 -18.83
CA LEU A 69 -4.71 22.62 -19.40
C LEU A 69 -5.51 21.45 -18.86
N GLU A 70 -4.84 20.39 -18.39
CA GLU A 70 -5.56 19.27 -17.81
C GLU A 70 -6.23 19.63 -16.50
N GLU A 71 -5.81 20.74 -15.88
CA GLU A 71 -6.45 21.25 -14.67
C GLU A 71 -7.33 22.46 -14.93
N LYS A 72 -7.05 23.23 -15.98
CA LYS A 72 -7.91 24.35 -16.32
C LYS A 72 -9.20 23.89 -16.98
N PHE A 73 -9.17 22.73 -17.67
CA PHE A 73 -10.36 22.32 -18.42
C PHE A 73 -11.53 21.98 -17.51
N PRO A 74 -11.38 21.18 -16.45
CA PRO A 74 -12.54 20.92 -15.58
C PRO A 74 -13.02 22.17 -14.87
N GLN A 75 -12.15 23.17 -14.71
CA GLN A 75 -12.58 24.45 -14.14
C GLN A 75 -13.57 25.14 -15.05
N VAL A 76 -13.13 25.49 -16.26
CA VAL A 76 -13.90 26.39 -17.11
C VAL A 76 -15.01 25.69 -17.88
N ALA A 77 -14.90 24.37 -18.07
CA ALA A 77 -15.98 23.64 -18.72
C ALA A 77 -17.13 23.34 -17.76
N ALA A 78 -16.87 23.33 -16.45
CA ALA A 78 -17.94 23.15 -15.48
C ALA A 78 -18.96 24.28 -15.57
N THR A 79 -18.54 25.45 -16.05
CA THR A 79 -19.44 26.59 -16.22
C THR A 79 -19.68 26.93 -17.69
N GLY A 80 -19.44 25.98 -18.59
CA GLY A 80 -19.82 26.15 -19.98
C GLY A 80 -18.84 26.92 -20.82
N ASP A 81 -17.55 26.84 -20.52
CA ASP A 81 -16.52 27.52 -21.30
C ASP A 81 -15.35 26.58 -21.54
N GLY A 82 -14.44 27.01 -22.40
CA GLY A 82 -13.30 26.19 -22.77
C GLY A 82 -13.27 25.94 -24.27
N PRO A 83 -12.36 25.07 -24.71
CA PRO A 83 -12.24 24.78 -26.14
C PRO A 83 -13.33 23.84 -26.61
N ASP A 84 -13.46 23.74 -27.94
CA ASP A 84 -14.36 22.77 -28.53
C ASP A 84 -13.78 21.36 -28.47
N ILE A 85 -12.45 21.23 -28.58
CA ILE A 85 -11.78 19.94 -28.55
C ILE A 85 -10.57 20.05 -27.63
N ILE A 86 -10.32 18.99 -26.86
CA ILE A 86 -9.17 18.92 -25.97
C ILE A 86 -8.41 17.62 -26.24
N PHE A 87 -7.09 17.70 -26.19
CA PHE A 87 -6.21 16.55 -26.39
C PHE A 87 -5.47 16.25 -25.10
N TRP A 88 -5.54 15.00 -24.65
CA TRP A 88 -4.82 14.60 -23.45
C TRP A 88 -4.86 13.08 -23.34
N ALA A 89 -3.98 12.55 -22.49
CA ALA A 89 -4.01 11.13 -22.15
C ALA A 89 -5.41 10.73 -21.70
N HIS A 90 -5.79 9.49 -22.04
CA HIS A 90 -7.17 9.06 -21.88
C HIS A 90 -7.59 8.93 -20.43
N ASP A 91 -6.63 8.71 -19.52
CA ASP A 91 -7.00 8.43 -18.13
C ASP A 91 -7.70 9.64 -17.50
N ARG A 92 -7.29 10.85 -17.85
CA ARG A 92 -7.96 12.04 -17.33
C ARG A 92 -9.40 12.13 -17.82
N PHE A 93 -9.67 11.65 -19.04
CA PHE A 93 -11.00 11.83 -19.62
C PHE A 93 -12.07 11.09 -18.81
N GLY A 94 -11.72 9.97 -18.19
CA GLY A 94 -12.70 9.25 -17.38
C GLY A 94 -13.30 10.10 -16.29
N GLY A 95 -12.52 11.00 -15.72
CA GLY A 95 -13.02 11.91 -14.70
C GLY A 95 -13.81 13.06 -15.29
N TYR A 96 -13.34 13.57 -16.43
CA TYR A 96 -14.11 14.60 -17.14
C TYR A 96 -15.51 14.09 -17.47
N ALA A 97 -15.61 12.85 -17.95
CA ALA A 97 -16.90 12.29 -18.30
C ALA A 97 -17.80 12.14 -17.08
N GLN A 98 -17.23 11.73 -15.95
CA GLN A 98 -18.01 11.63 -14.73
C GLN A 98 -18.69 12.95 -14.39
N SER A 99 -17.96 14.06 -14.57
CA SER A 99 -18.52 15.39 -14.39
C SER A 99 -19.41 15.81 -15.54
N GLY A 100 -19.57 14.97 -16.56
CA GLY A 100 -20.39 15.33 -17.70
C GLY A 100 -19.83 16.44 -18.55
N LEU A 101 -18.50 16.53 -18.65
CA LEU A 101 -17.86 17.60 -19.42
C LEU A 101 -17.54 17.20 -20.84
N LEU A 102 -17.56 15.91 -21.16
CA LEU A 102 -17.22 15.41 -22.48
C LEU A 102 -18.48 14.91 -23.17
N ALA A 103 -18.68 15.33 -24.41
CA ALA A 103 -19.83 14.89 -25.19
C ALA A 103 -19.61 13.48 -25.71
N GLU A 104 -20.68 12.70 -25.73
CA GLU A 104 -20.63 11.36 -26.33
C GLU A 104 -20.43 11.50 -27.84
N ILE A 105 -19.41 10.83 -28.36
CA ILE A 105 -19.10 10.92 -29.79
C ILE A 105 -19.86 9.84 -30.55
N THR A 106 -20.03 10.06 -31.85
CA THR A 106 -20.95 9.26 -32.66
C THR A 106 -20.30 8.73 -33.93
N PRO A 107 -19.09 8.14 -33.83
CA PRO A 107 -18.50 7.53 -35.02
C PRO A 107 -19.22 6.23 -35.37
N ASP A 108 -19.49 6.05 -36.66
CA ASP A 108 -20.12 4.82 -37.11
C ASP A 108 -19.10 3.68 -37.16
N LYS A 109 -19.61 2.46 -37.28
CA LYS A 109 -18.72 1.30 -37.30
C LYS A 109 -17.72 1.39 -38.44
N ALA A 110 -18.11 2.00 -39.56
CA ALA A 110 -17.17 2.19 -40.67
C ALA A 110 -15.91 2.90 -40.19
N PHE A 111 -16.09 3.97 -39.41
CA PHE A 111 -14.93 4.71 -38.93
C PHE A 111 -14.22 3.94 -37.82
N GLN A 112 -14.98 3.33 -36.91
CA GLN A 112 -14.34 2.60 -35.81
C GLN A 112 -13.45 1.48 -36.31
N ASP A 113 -13.78 0.87 -37.44
CA ASP A 113 -12.94 -0.17 -38.00
C ASP A 113 -11.60 0.37 -38.49
N LYS A 114 -11.47 1.69 -38.68
CA LYS A 114 -10.21 2.25 -39.13
C LYS A 114 -9.15 2.27 -38.04
N LEU A 115 -9.55 2.16 -36.77
CA LEU A 115 -8.62 2.21 -35.65
C LEU A 115 -8.45 0.83 -35.03
N TYR A 116 -7.32 0.64 -34.36
CA TYR A 116 -7.09 -0.62 -33.66
C TYR A 116 -8.19 -0.83 -32.62
N PRO A 117 -8.82 -2.01 -32.58
CA PRO A 117 -10.00 -2.16 -31.71
C PRO A 117 -9.71 -1.86 -30.24
N PHE A 118 -8.56 -2.28 -29.72
CA PHE A 118 -8.30 -2.11 -28.30
C PHE A 118 -8.23 -0.65 -27.89
N THR A 119 -8.00 0.27 -28.83
CA THR A 119 -7.91 1.68 -28.47
C THR A 119 -9.27 2.27 -28.14
N TRP A 120 -10.34 1.76 -28.75
CA TRP A 120 -11.67 2.24 -28.39
C TRP A 120 -12.02 1.88 -26.95
N ASP A 121 -11.44 0.81 -26.42
CA ASP A 121 -11.67 0.43 -25.04
C ASP A 121 -11.08 1.42 -24.05
N ALA A 122 -10.25 2.36 -24.52
CA ALA A 122 -9.62 3.34 -23.65
C ALA A 122 -10.40 4.65 -23.56
N VAL A 123 -11.36 4.86 -24.46
CA VAL A 123 -12.11 6.12 -24.53
C VAL A 123 -13.58 5.85 -24.24
N ARG A 124 -13.84 4.94 -23.31
CA ARG A 124 -15.19 4.55 -22.95
C ARG A 124 -15.47 4.97 -21.51
N TYR A 125 -16.71 5.39 -21.26
CA TYR A 125 -17.18 5.71 -19.91
C TYR A 125 -18.61 5.23 -19.79
N ASN A 126 -18.88 4.39 -18.81
CA ASN A 126 -20.20 3.77 -18.65
C ASN A 126 -20.69 3.25 -20.00
N GLY A 127 -19.78 2.61 -20.73
CA GLY A 127 -20.10 1.98 -22.00
C GLY A 127 -20.18 2.91 -23.19
N LYS A 128 -20.05 4.22 -23.00
CA LYS A 128 -20.23 5.19 -24.07
C LYS A 128 -18.89 5.80 -24.48
N LEU A 129 -18.72 5.98 -25.80
CA LEU A 129 -17.50 6.61 -26.32
C LEU A 129 -17.50 8.10 -26.00
N ILE A 130 -16.38 8.60 -25.46
CA ILE A 130 -16.30 9.99 -25.06
C ILE A 130 -15.05 10.66 -25.61
N ALA A 131 -14.36 9.99 -26.52
CA ALA A 131 -13.18 10.60 -27.14
C ALA A 131 -12.66 9.69 -28.24
N TYR A 132 -11.86 10.29 -29.14
CA TYR A 132 -11.24 9.61 -30.27
C TYR A 132 -9.82 9.20 -29.92
N PRO A 133 -9.46 7.92 -30.07
CA PRO A 133 -8.05 7.55 -29.88
C PRO A 133 -7.17 8.17 -30.96
N ILE A 134 -6.01 8.66 -30.55
CA ILE A 134 -5.09 9.31 -31.47
C ILE A 134 -3.77 8.53 -31.51
N ALA A 135 -3.09 8.45 -30.37
CA ALA A 135 -1.79 7.80 -30.31
C ALA A 135 -1.75 6.83 -29.13
N VAL A 136 -0.76 5.94 -29.18
CA VAL A 136 -0.62 4.82 -28.25
C VAL A 136 0.79 4.81 -27.69
N GLU A 137 0.90 4.55 -26.38
CA GLU A 137 2.18 4.60 -25.68
C GLU A 137 2.24 3.48 -24.65
N ALA A 138 3.39 2.82 -24.58
CA ALA A 138 3.62 1.76 -23.60
C ALA A 138 5.11 1.50 -23.48
N LEU A 139 5.49 0.91 -22.36
CA LEU A 139 6.88 0.56 -22.11
C LEU A 139 7.32 -0.56 -23.05
N SER A 140 8.63 -0.58 -23.33
CA SER A 140 9.24 -1.66 -24.09
C SER A 140 10.53 -2.08 -23.41
N LEU A 141 11.12 -3.16 -23.89
CA LEU A 141 12.45 -3.59 -23.48
C LEU A 141 13.47 -2.92 -24.39
N ILE A 142 14.40 -2.18 -23.78
CA ILE A 142 15.46 -1.48 -24.50
C ILE A 142 16.77 -2.18 -24.14
N TYR A 143 17.55 -2.53 -25.16
CA TYR A 143 18.73 -3.36 -24.93
C TYR A 143 19.92 -2.84 -25.72
N ASN A 144 21.11 -3.19 -25.23
CA ASN A 144 22.38 -2.76 -25.80
C ASN A 144 22.89 -3.85 -26.72
N LYS A 145 22.85 -3.59 -28.03
CA LYS A 145 23.19 -4.61 -29.01
C LYS A 145 24.66 -5.03 -28.96
N ASP A 146 25.53 -4.21 -28.36
CA ASP A 146 26.93 -4.59 -28.25
C ASP A 146 27.16 -5.56 -27.09
N LEU A 147 26.52 -5.31 -25.96
CA LEU A 147 26.59 -6.25 -24.84
C LEU A 147 25.68 -7.45 -25.05
N LEU A 148 24.61 -7.29 -25.82
CA LEU A 148 23.56 -8.31 -25.92
C LEU A 148 22.97 -8.26 -27.32
N PRO A 149 23.59 -8.97 -28.27
CA PRO A 149 23.10 -8.89 -29.66
C PRO A 149 21.68 -9.43 -29.82
N ASN A 150 21.31 -10.43 -29.05
CA ASN A 150 19.95 -10.99 -29.07
C ASN A 150 19.31 -10.83 -27.70
N PRO A 151 18.29 -10.01 -27.55
CA PRO A 151 17.69 -9.82 -26.22
C PRO A 151 16.98 -11.08 -25.74
N PRO A 152 16.75 -11.21 -24.44
CA PRO A 152 16.10 -12.43 -23.94
C PRO A 152 14.63 -12.47 -24.29
N LYS A 153 14.14 -13.68 -24.59
CA LYS A 153 12.72 -13.87 -24.86
C LYS A 153 11.90 -13.93 -23.57
N THR A 154 12.50 -14.37 -22.47
CA THR A 154 11.77 -14.63 -21.24
C THR A 154 12.47 -13.97 -20.07
N TRP A 155 11.69 -13.70 -19.02
CA TRP A 155 12.27 -13.18 -17.78
C TRP A 155 13.17 -14.21 -17.12
N GLU A 156 12.86 -15.50 -17.27
CA GLU A 156 13.58 -16.54 -16.55
C GLU A 156 15.05 -16.64 -16.95
N GLU A 157 15.41 -16.16 -18.15
CA GLU A 157 16.79 -16.26 -18.60
C GLU A 157 17.69 -15.20 -18.00
N ILE A 158 17.12 -14.12 -17.46
CA ILE A 158 17.88 -12.92 -17.14
C ILE A 158 18.86 -13.18 -16.01
N PRO A 159 18.50 -13.94 -14.96
CA PRO A 159 19.48 -14.20 -13.90
C PRO A 159 20.79 -14.80 -14.42
N ALA A 160 20.72 -15.90 -15.16
CA ALA A 160 21.94 -16.49 -15.73
C ALA A 160 22.68 -15.47 -16.58
N LEU A 161 21.94 -14.67 -17.33
CA LEU A 161 22.55 -13.63 -18.16
C LEU A 161 23.30 -12.61 -17.30
N ASP A 162 22.73 -12.28 -16.14
CA ASP A 162 23.36 -11.30 -15.27
C ASP A 162 24.65 -11.87 -14.66
N LYS A 163 24.64 -13.16 -14.30
CA LYS A 163 25.87 -13.79 -13.85
C LYS A 163 26.96 -13.67 -14.92
N GLU A 164 26.59 -13.92 -16.18
CA GLU A 164 27.54 -13.77 -17.27
C GLU A 164 28.11 -12.36 -17.33
N LEU A 165 27.24 -11.36 -17.27
CA LEU A 165 27.65 -9.97 -17.47
C LEU A 165 28.40 -9.40 -16.27
N LYS A 166 28.02 -9.79 -15.06
CA LYS A 166 28.75 -9.31 -13.88
C LYS A 166 30.22 -9.69 -13.95
N ALA A 167 30.53 -10.84 -14.54
CA ALA A 167 31.93 -11.23 -14.70
C ALA A 167 32.66 -10.38 -15.73
N LYS A 168 31.92 -9.74 -16.64
CA LYS A 168 32.49 -8.82 -17.62
C LYS A 168 32.45 -7.37 -17.16
N GLY A 169 32.14 -7.13 -15.89
CA GLY A 169 32.04 -5.77 -15.39
C GLY A 169 30.76 -5.05 -15.75
N LYS A 170 29.70 -5.78 -16.09
CA LYS A 170 28.43 -5.15 -16.46
C LYS A 170 27.28 -5.75 -15.66
N SER A 171 26.05 -5.44 -16.04
CA SER A 171 24.86 -6.05 -15.45
C SER A 171 23.84 -6.28 -16.55
N ALA A 172 22.90 -7.20 -16.29
CA ALA A 172 21.93 -7.57 -17.31
C ALA A 172 20.82 -6.53 -17.45
N LEU A 173 20.24 -6.09 -16.34
CA LEU A 173 18.99 -5.34 -16.39
C LEU A 173 18.94 -4.33 -15.25
N MET A 174 18.54 -3.10 -15.58
CA MET A 174 18.33 -2.06 -14.58
C MET A 174 17.15 -1.20 -15.04
N PHE A 175 16.09 -1.14 -14.23
CA PHE A 175 14.99 -0.24 -14.50
C PHE A 175 14.45 0.28 -13.18
N ASN A 176 13.64 1.33 -13.28
CA ASN A 176 13.06 1.98 -12.11
C ASN A 176 12.18 1.01 -11.32
N LEU A 177 12.61 0.68 -10.10
CA LEU A 177 11.84 -0.21 -9.24
C LEU A 177 10.99 0.54 -8.22
N GLN A 178 11.04 1.88 -8.22
CA GLN A 178 10.35 2.66 -7.20
C GLN A 178 8.89 2.91 -7.52
N GLU A 179 8.52 2.98 -8.81
CA GLU A 179 7.17 3.34 -9.21
C GLU A 179 6.46 2.14 -9.85
N PRO A 180 5.22 1.84 -9.46
CA PRO A 180 4.58 0.62 -9.97
C PRO A 180 4.38 0.60 -11.47
N TYR A 181 4.33 1.77 -12.12
CA TYR A 181 4.19 1.82 -13.57
C TYR A 181 5.26 1.00 -14.26
N PHE A 182 6.46 0.92 -13.69
CA PHE A 182 7.56 0.21 -14.34
C PHE A 182 7.67 -1.24 -13.91
N THR A 183 7.23 -1.58 -12.71
CA THR A 183 7.29 -2.96 -12.25
C THR A 183 6.04 -3.74 -12.62
N TRP A 184 4.94 -3.05 -12.91
CA TRP A 184 3.68 -3.74 -13.19
C TRP A 184 3.76 -4.71 -14.37
N PRO A 185 4.52 -4.43 -15.44
CA PRO A 185 4.55 -5.38 -16.56
C PRO A 185 4.94 -6.79 -16.16
N LEU A 186 5.84 -6.94 -15.19
CA LEU A 186 6.19 -8.26 -14.69
C LEU A 186 5.16 -8.76 -13.69
N ILE A 187 4.74 -7.91 -12.77
CA ILE A 187 3.78 -8.35 -11.75
C ILE A 187 2.52 -8.89 -12.39
N ALA A 188 2.04 -8.22 -13.44
CA ALA A 188 0.77 -8.57 -14.06
C ALA A 188 0.89 -9.61 -15.18
N ALA A 189 2.11 -9.98 -15.57
CA ALA A 189 2.29 -10.85 -16.71
C ALA A 189 1.45 -12.12 -16.61
N ASP A 190 1.48 -12.78 -15.45
CA ASP A 190 0.91 -14.11 -15.28
C ASP A 190 -0.49 -14.10 -14.67
N GLY A 191 -1.20 -12.96 -14.75
CA GLY A 191 -2.60 -12.94 -14.35
C GLY A 191 -3.07 -11.72 -13.57
N GLY A 192 -2.16 -10.84 -13.21
CA GLY A 192 -2.54 -9.67 -12.44
C GLY A 192 -3.31 -8.65 -13.27
N TYR A 193 -4.05 -7.80 -12.58
CA TYR A 193 -4.75 -6.69 -13.23
C TYR A 193 -5.20 -5.70 -12.17
N ALA A 194 -5.34 -4.44 -12.59
CA ALA A 194 -5.80 -3.39 -11.69
C ALA A 194 -7.28 -3.58 -11.35
N PHE A 195 -8.14 -3.26 -12.32
CA PHE A 195 -9.57 -3.52 -12.20
C PHE A 195 -10.02 -4.31 -13.42
N LYS A 196 -10.96 -5.22 -13.22
CA LYS A 196 -11.45 -6.06 -14.30
C LYS A 196 -12.29 -5.24 -15.28
N TYR A 197 -12.03 -5.42 -16.56
CA TYR A 197 -12.75 -4.74 -17.64
C TYR A 197 -13.57 -5.76 -18.40
N GLU A 198 -14.84 -5.47 -18.59
CA GLU A 198 -15.73 -6.41 -19.29
C GLU A 198 -16.93 -5.65 -19.80
N ASN A 199 -17.34 -5.96 -21.03
CA ASN A 199 -18.53 -5.38 -21.66
C ASN A 199 -18.46 -3.85 -21.64
N GLY A 200 -17.27 -3.31 -21.87
CA GLY A 200 -17.09 -1.88 -21.97
C GLY A 200 -17.05 -1.14 -20.65
N LYS A 201 -16.98 -1.85 -19.53
CA LYS A 201 -17.03 -1.22 -18.22
C LYS A 201 -16.01 -1.86 -17.29
N TYR A 202 -15.62 -1.09 -16.27
CA TYR A 202 -14.74 -1.58 -15.22
C TYR A 202 -15.57 -1.98 -14.01
N ASP A 203 -15.16 -3.07 -13.35
CA ASP A 203 -15.79 -3.54 -12.13
C ASP A 203 -14.88 -3.13 -10.97
N ILE A 204 -15.26 -2.06 -10.27
CA ILE A 204 -14.39 -1.52 -9.23
C ILE A 204 -14.19 -2.49 -8.07
N LYS A 205 -15.03 -3.51 -7.97
CA LYS A 205 -14.91 -4.49 -6.91
C LYS A 205 -13.98 -5.65 -7.26
N ASP A 206 -13.74 -5.87 -8.55
CA ASP A 206 -12.90 -6.97 -9.03
C ASP A 206 -11.48 -6.43 -9.23
N VAL A 207 -10.61 -6.69 -8.26
CA VAL A 207 -9.24 -6.19 -8.25
C VAL A 207 -8.30 -7.38 -8.29
N GLY A 208 -7.32 -7.33 -9.20
CA GLY A 208 -6.42 -8.45 -9.41
C GLY A 208 -5.00 -8.19 -8.92
N VAL A 209 -4.88 -7.47 -7.81
CA VAL A 209 -3.58 -7.16 -7.25
C VAL A 209 -3.00 -8.33 -6.47
N ASP A 210 -3.82 -9.29 -6.05
CA ASP A 210 -3.40 -10.28 -5.07
C ASP A 210 -3.69 -11.71 -5.53
N ASN A 211 -3.90 -11.93 -6.81
CA ASN A 211 -4.10 -13.30 -7.29
C ASN A 211 -2.74 -13.98 -7.45
N ALA A 212 -2.76 -15.24 -7.91
CA ALA A 212 -1.53 -16.01 -8.02
C ALA A 212 -0.58 -15.48 -9.08
N GLY A 213 -1.11 -14.76 -10.08
CA GLY A 213 -0.23 -14.19 -11.09
C GLY A 213 0.55 -13.01 -10.54
N ALA A 214 -0.12 -12.13 -9.80
CA ALA A 214 0.59 -10.99 -9.20
C ALA A 214 1.66 -11.47 -8.24
N LYS A 215 1.35 -12.50 -7.44
CA LYS A 215 2.34 -13.03 -6.49
C LYS A 215 3.54 -13.62 -7.22
N ALA A 216 3.31 -14.44 -8.24
CA ALA A 216 4.41 -15.05 -8.97
C ALA A 216 5.32 -13.97 -9.58
N GLY A 217 4.72 -12.92 -10.14
CA GLY A 217 5.53 -11.88 -10.76
C GLY A 217 6.33 -11.09 -9.73
N LEU A 218 5.67 -10.64 -8.66
CA LEU A 218 6.38 -9.90 -7.63
C LEU A 218 7.46 -10.76 -7.00
N THR A 219 7.15 -12.03 -6.73
CA THR A 219 8.14 -12.93 -6.17
C THR A 219 9.39 -13.01 -7.05
N PHE A 220 9.18 -13.14 -8.37
CA PHE A 220 10.31 -13.17 -9.28
C PHE A 220 11.10 -11.87 -9.22
N LEU A 221 10.40 -10.74 -9.11
CA LEU A 221 11.06 -9.46 -8.97
C LEU A 221 11.89 -9.40 -7.68
N VAL A 222 11.28 -9.80 -6.56
CA VAL A 222 11.99 -9.77 -5.29
C VAL A 222 13.19 -10.72 -5.33
N ASP A 223 13.03 -11.88 -5.97
CA ASP A 223 14.12 -12.84 -6.04
C ASP A 223 15.30 -12.28 -6.85
N LEU A 224 15.00 -11.54 -7.92
CA LEU A 224 16.07 -10.86 -8.65
C LEU A 224 16.91 -10.00 -7.70
N ILE A 225 16.24 -9.35 -6.74
CA ILE A 225 16.94 -8.48 -5.81
C ILE A 225 17.75 -9.32 -4.82
N LYS A 226 17.10 -10.28 -4.16
CA LYS A 226 17.79 -11.09 -3.17
C LYS A 226 19.02 -11.77 -3.75
N ASN A 227 18.98 -12.10 -5.04
CA ASN A 227 20.10 -12.76 -5.71
C ASN A 227 21.09 -11.78 -6.33
N LYS A 228 20.97 -10.49 -6.03
CA LYS A 228 21.92 -9.47 -6.44
C LYS A 228 21.89 -9.21 -7.95
N HIS A 229 20.82 -9.59 -8.62
CA HIS A 229 20.67 -9.24 -10.03
C HIS A 229 20.07 -7.84 -10.21
N MET A 230 19.42 -7.31 -9.18
CA MET A 230 18.94 -5.94 -9.20
C MET A 230 19.08 -5.36 -7.79
N ASN A 231 19.13 -4.04 -7.72
CA ASN A 231 19.23 -3.31 -6.47
C ASN A 231 17.89 -2.66 -6.15
N ALA A 232 17.44 -2.80 -4.90
CA ALA A 232 16.12 -2.32 -4.52
C ALA A 232 16.01 -0.80 -4.55
N ASP A 233 17.12 -0.09 -4.53
CA ASP A 233 17.10 1.36 -4.57
C ASP A 233 17.09 1.94 -5.98
N THR A 234 17.25 1.11 -7.00
CA THR A 234 17.32 1.62 -8.36
C THR A 234 16.05 2.40 -8.70
N ASP A 235 16.22 3.63 -9.18
CA ASP A 235 15.12 4.48 -9.58
C ASP A 235 15.32 4.89 -11.04
N TYR A 236 14.47 5.80 -11.51
CA TYR A 236 14.51 6.21 -12.91
C TYR A 236 15.89 6.74 -13.28
N SER A 237 16.39 7.73 -12.53
CA SER A 237 17.66 8.36 -12.88
C SER A 237 18.81 7.37 -12.88
N ILE A 238 18.85 6.48 -11.89
CA ILE A 238 19.94 5.52 -11.79
C ILE A 238 19.94 4.58 -12.99
N ALA A 239 18.76 4.08 -13.38
CA ALA A 239 18.69 3.13 -14.47
C ALA A 239 19.01 3.80 -15.81
N GLU A 240 18.51 5.01 -16.01
CA GLU A 240 18.79 5.71 -17.27
C GLU A 240 20.28 5.99 -17.42
N ALA A 241 20.90 6.54 -16.38
CA ALA A 241 22.33 6.77 -16.42
C ALA A 241 23.10 5.48 -16.69
N ALA A 242 22.70 4.39 -16.03
CA ALA A 242 23.43 3.15 -16.19
C ALA A 242 23.35 2.64 -17.62
N PHE A 243 22.16 2.67 -18.22
CA PHE A 243 22.02 2.13 -19.58
C PHE A 243 22.69 3.05 -20.60
N ASN A 244 22.49 4.36 -20.46
CA ASN A 244 23.02 5.30 -21.44
C ASN A 244 24.53 5.46 -21.32
N LYS A 245 25.13 5.03 -20.21
CA LYS A 245 26.58 4.97 -20.07
C LYS A 245 27.16 3.63 -20.48
N GLY A 246 26.33 2.67 -20.87
CA GLY A 246 26.83 1.39 -21.32
C GLY A 246 27.17 0.42 -20.22
N GLU A 247 26.60 0.61 -19.02
CA GLU A 247 26.91 -0.22 -17.87
C GLU A 247 25.96 -1.39 -17.66
N THR A 248 24.77 -1.35 -18.28
CA THR A 248 23.80 -2.43 -18.14
C THR A 248 23.25 -2.78 -19.51
N ALA A 249 23.01 -4.07 -19.74
CA ALA A 249 22.62 -4.54 -21.06
C ALA A 249 21.18 -4.26 -21.41
N MET A 250 20.34 -4.00 -20.40
CA MET A 250 18.91 -3.83 -20.65
C MET A 250 18.32 -2.81 -19.69
N THR A 251 17.22 -2.20 -20.13
CA THR A 251 16.39 -1.37 -19.27
C THR A 251 14.96 -1.46 -19.79
N ILE A 252 14.04 -0.96 -18.99
CA ILE A 252 12.63 -0.89 -19.36
C ILE A 252 12.21 0.57 -19.27
N ASN A 253 11.76 1.11 -20.40
CA ASN A 253 11.40 2.53 -20.47
C ASN A 253 10.52 2.73 -21.69
N GLY A 254 10.13 3.99 -21.91
CA GLY A 254 9.17 4.32 -22.94
C GLY A 254 9.74 5.27 -23.99
N PRO A 255 8.90 5.65 -24.95
CA PRO A 255 9.40 6.47 -26.07
C PRO A 255 9.99 7.80 -25.62
N TRP A 256 9.50 8.36 -24.52
CA TRP A 256 10.02 9.62 -24.02
C TRP A 256 11.52 9.57 -23.76
N ALA A 257 12.10 8.39 -23.58
CA ALA A 257 13.49 8.25 -23.21
C ALA A 257 14.43 8.02 -24.39
N TRP A 258 13.89 7.87 -25.60
CA TRP A 258 14.73 7.53 -26.74
C TRP A 258 15.72 8.64 -27.08
N SER A 259 15.30 9.90 -26.98
CA SER A 259 16.17 11.01 -27.34
C SER A 259 17.47 10.96 -26.54
N ASN A 260 17.38 10.72 -25.23
CA ASN A 260 18.59 10.68 -24.41
C ASN A 260 19.51 9.55 -24.84
N ILE A 261 18.95 8.42 -25.30
CA ILE A 261 19.82 7.33 -25.73
C ILE A 261 20.46 7.65 -27.06
N ASP A 262 19.74 8.37 -27.94
CA ASP A 262 20.33 8.77 -29.22
C ASP A 262 21.55 9.64 -29.01
N THR A 263 21.52 10.50 -27.99
CA THR A 263 22.67 11.36 -27.72
C THR A 263 23.81 10.62 -27.05
N SER A 264 23.60 9.38 -26.62
CA SER A 264 24.65 8.61 -25.99
C SER A 264 25.45 7.87 -27.08
N LYS A 265 26.28 6.92 -26.66
CA LYS A 265 27.08 6.12 -27.58
C LYS A 265 26.61 4.68 -27.63
N VAL A 266 25.42 4.39 -27.14
CA VAL A 266 24.91 3.03 -27.06
C VAL A 266 24.15 2.70 -28.34
N ASN A 267 24.50 1.57 -28.95
CA ASN A 267 23.76 1.01 -30.08
C ASN A 267 22.61 0.20 -29.50
N TYR A 268 21.46 0.85 -29.30
CA TYR A 268 20.35 0.24 -28.61
C TYR A 268 19.28 -0.22 -29.58
N GLY A 269 18.51 -1.20 -29.12
CA GLY A 269 17.32 -1.63 -29.81
C GLY A 269 16.13 -1.57 -28.89
N VAL A 270 14.93 -1.63 -29.46
CA VAL A 270 13.68 -1.62 -28.72
C VAL A 270 12.84 -2.79 -29.22
N THR A 271 12.32 -3.58 -28.31
CA THR A 271 11.68 -4.84 -28.67
C THR A 271 10.64 -5.24 -27.63
N VAL A 272 10.04 -6.41 -27.84
CA VAL A 272 8.95 -6.88 -26.98
C VAL A 272 9.50 -7.20 -25.60
N LEU A 273 8.72 -6.85 -24.57
CA LEU A 273 9.12 -7.21 -23.22
C LEU A 273 9.18 -8.73 -23.09
N PRO A 274 10.02 -9.25 -22.21
CA PRO A 274 10.13 -10.70 -22.08
C PRO A 274 8.85 -11.30 -21.52
N THR A 275 8.68 -12.59 -21.78
CA THR A 275 7.57 -13.32 -21.20
C THR A 275 7.93 -13.79 -19.80
N PHE A 276 6.89 -14.07 -19.01
CA PHE A 276 7.04 -14.66 -17.68
C PHE A 276 6.00 -15.77 -17.56
N LYS A 277 6.45 -16.98 -17.26
CA LYS A 277 5.58 -18.15 -17.30
C LYS A 277 4.98 -18.35 -18.69
N GLY A 278 5.73 -17.97 -19.72
CA GLY A 278 5.25 -17.99 -21.07
C GLY A 278 4.17 -16.97 -21.39
N GLN A 279 3.81 -16.12 -20.44
CA GLN A 279 2.81 -15.08 -20.64
C GLN A 279 3.49 -13.76 -20.97
N PRO A 280 2.93 -12.95 -21.87
CA PRO A 280 3.55 -11.66 -22.16
C PRO A 280 3.55 -10.74 -20.94
N SER A 281 4.57 -9.90 -20.87
CA SER A 281 4.53 -8.78 -19.93
C SER A 281 3.40 -7.85 -20.33
N LYS A 282 2.69 -7.32 -19.33
CA LYS A 282 1.51 -6.49 -19.54
C LYS A 282 1.76 -5.09 -19.01
N PRO A 283 2.38 -4.23 -19.79
CA PRO A 283 2.54 -2.83 -19.39
C PRO A 283 1.23 -2.08 -19.54
N PHE A 284 1.10 -1.01 -18.76
CA PHE A 284 -0.02 -0.10 -18.92
C PHE A 284 0.10 0.65 -20.25
N VAL A 285 -1.05 0.98 -20.82
CA VAL A 285 -1.12 1.64 -22.12
C VAL A 285 -1.76 3.01 -21.95
N GLY A 286 -1.07 4.04 -22.43
CA GLY A 286 -1.62 5.38 -22.45
C GLY A 286 -2.02 5.74 -23.88
N VAL A 287 -3.28 6.18 -24.02
CA VAL A 287 -3.86 6.50 -25.31
C VAL A 287 -4.10 8.01 -25.34
N LEU A 288 -3.28 8.73 -26.08
CA LEU A 288 -3.56 10.13 -26.36
C LEU A 288 -4.87 10.23 -27.12
N SER A 289 -5.83 10.96 -26.55
CA SER A 289 -7.18 11.00 -27.08
C SER A 289 -7.63 12.43 -27.27
N ALA A 290 -8.68 12.59 -28.07
CA ALA A 290 -9.28 13.89 -28.36
C ALA A 290 -10.74 13.84 -27.93
N GLY A 291 -11.10 14.67 -26.96
CA GLY A 291 -12.47 14.75 -26.48
C GLY A 291 -13.16 16.01 -26.97
N ILE A 292 -14.48 16.01 -26.96
CA ILE A 292 -15.29 17.13 -27.42
C ILE A 292 -16.02 17.74 -26.23
N ASN A 293 -15.86 19.04 -26.04
CA ASN A 293 -16.48 19.72 -24.92
C ASN A 293 -17.99 19.57 -24.98
N ALA A 294 -18.59 19.11 -23.88
CA ALA A 294 -20.03 18.97 -23.82
C ALA A 294 -20.73 20.31 -24.00
N ALA A 295 -20.07 21.41 -23.62
CA ALA A 295 -20.62 22.74 -23.76
C ALA A 295 -20.24 23.41 -25.07
N SER A 296 -19.83 22.63 -26.08
CA SER A 296 -19.45 23.19 -27.36
C SER A 296 -20.66 23.30 -28.28
N PRO A 297 -20.83 24.40 -29.01
CA PRO A 297 -21.88 24.48 -30.02
C PRO A 297 -21.49 23.97 -31.40
N ASN A 298 -20.30 23.38 -31.54
CA ASN A 298 -19.77 22.93 -32.82
C ASN A 298 -19.44 21.44 -32.78
N LYS A 299 -20.29 20.64 -32.12
CA LYS A 299 -19.97 19.23 -31.94
C LYS A 299 -19.86 18.50 -33.27
N GLU A 300 -20.68 18.88 -34.26
CA GLU A 300 -20.60 18.24 -35.56
C GLU A 300 -19.42 18.77 -36.37
N LEU A 301 -19.04 20.03 -36.17
CA LEU A 301 -17.81 20.53 -36.80
C LEU A 301 -16.58 19.88 -36.19
N ALA A 302 -16.55 19.74 -34.87
CA ALA A 302 -15.45 19.03 -34.22
C ALA A 302 -15.39 17.58 -34.68
N LYS A 303 -16.55 16.93 -34.79
CA LYS A 303 -16.58 15.57 -35.30
C LYS A 303 -16.01 15.49 -36.71
N GLU A 304 -16.39 16.44 -37.56
CA GLU A 304 -15.91 16.42 -38.95
C GLU A 304 -14.41 16.64 -39.02
N PHE A 305 -13.91 17.66 -38.32
CA PHE A 305 -12.48 17.92 -38.31
C PHE A 305 -11.70 16.71 -37.80
N LEU A 306 -12.20 16.06 -36.74
CA LEU A 306 -11.45 14.96 -36.13
C LEU A 306 -11.52 13.71 -37.01
N GLU A 307 -12.73 13.31 -37.41
CA GLU A 307 -12.88 12.05 -38.13
C GLU A 307 -12.33 12.15 -39.55
N ASN A 308 -12.53 13.28 -40.22
CA ASN A 308 -12.29 13.38 -41.66
C ASN A 308 -11.03 14.14 -42.02
N TYR A 309 -10.41 14.86 -41.08
CA TYR A 309 -9.20 15.61 -41.37
C TYR A 309 -8.02 15.19 -40.50
N LEU A 310 -8.22 15.05 -39.19
CA LEU A 310 -7.13 14.68 -38.30
C LEU A 310 -6.81 13.19 -38.40
N LEU A 311 -7.80 12.34 -38.13
CA LEU A 311 -7.59 10.89 -38.14
C LEU A 311 -7.59 10.36 -39.59
N THR A 312 -6.66 10.91 -40.36
CA THR A 312 -6.34 10.43 -41.69
C THR A 312 -4.82 10.36 -41.81
N ASP A 313 -4.33 9.62 -42.79
CA ASP A 313 -2.89 9.54 -43.00
C ASP A 313 -2.27 10.93 -43.10
N GLU A 314 -2.93 11.83 -43.84
CA GLU A 314 -2.38 13.17 -44.03
C GLU A 314 -2.40 13.97 -42.72
N GLY A 315 -3.51 13.90 -41.99
CA GLY A 315 -3.60 14.67 -40.76
C GLY A 315 -2.58 14.23 -39.72
N LEU A 316 -2.48 12.92 -39.48
CA LEU A 316 -1.53 12.43 -38.49
C LEU A 316 -0.09 12.68 -38.93
N GLU A 317 0.19 12.51 -40.23
CA GLU A 317 1.52 12.83 -40.73
C GLU A 317 1.88 14.27 -40.40
N ALA A 318 0.95 15.20 -40.65
CA ALA A 318 1.21 16.60 -40.35
C ALA A 318 1.59 16.80 -38.89
N VAL A 319 0.84 16.20 -37.97
CA VAL A 319 1.16 16.33 -36.57
C VAL A 319 2.45 15.60 -36.24
N ASN A 320 2.66 14.43 -36.84
CA ASN A 320 3.86 13.65 -36.56
C ASN A 320 5.12 14.36 -37.04
N LYS A 321 5.02 15.11 -38.16
CA LYS A 321 6.18 15.84 -38.65
C LYS A 321 6.66 16.89 -37.65
N ASP A 322 5.71 17.53 -36.96
CA ASP A 322 6.07 18.53 -35.95
C ASP A 322 6.71 17.87 -34.75
N LYS A 323 5.96 17.04 -34.04
CA LYS A 323 6.47 16.23 -32.94
C LYS A 323 5.98 14.80 -33.13
N PRO A 324 6.85 13.80 -32.96
CA PRO A 324 6.42 12.41 -33.22
C PRO A 324 5.30 11.99 -32.28
N LEU A 325 4.31 11.30 -32.84
CA LEU A 325 3.22 10.76 -32.04
C LEU A 325 3.55 9.43 -31.38
N GLY A 326 4.62 8.77 -31.80
CA GLY A 326 4.86 7.40 -31.39
C GLY A 326 4.03 6.46 -32.23
N ALA A 327 3.49 5.41 -31.64
CA ALA A 327 2.52 4.56 -32.32
C ALA A 327 1.15 5.26 -32.30
N VAL A 328 0.39 5.04 -33.37
CA VAL A 328 -0.90 5.70 -33.54
C VAL A 328 -2.01 4.65 -33.63
N ALA A 329 -3.23 5.08 -33.30
CA ALA A 329 -4.39 4.20 -33.33
C ALA A 329 -4.91 3.95 -34.74
N LEU A 330 -4.64 4.84 -35.68
CA LEU A 330 -5.08 4.65 -37.06
C LEU A 330 -4.26 3.56 -37.73
N LYS A 331 -4.93 2.47 -38.14
CA LYS A 331 -4.22 1.32 -38.68
C LYS A 331 -3.38 1.71 -39.90
N SER A 332 -3.95 2.49 -40.82
CA SER A 332 -3.28 2.75 -42.09
C SER A 332 -1.96 3.48 -41.87
N TYR A 333 -1.95 4.51 -41.01
CA TYR A 333 -0.71 5.25 -40.80
C TYR A 333 0.23 4.53 -39.86
N GLU A 334 -0.28 3.69 -38.95
CA GLU A 334 0.60 2.91 -38.09
C GLU A 334 1.50 1.97 -38.89
N GLU A 335 1.00 1.46 -40.03
CA GLU A 335 1.83 0.62 -40.88
C GLU A 335 3.03 1.39 -41.40
N GLU A 336 2.87 2.68 -41.69
CA GLU A 336 3.99 3.51 -42.13
C GLU A 336 4.94 3.76 -40.97
N LEU A 337 4.42 4.25 -39.84
CA LEU A 337 5.26 4.54 -38.68
C LEU A 337 5.96 3.29 -38.18
N ALA A 338 5.29 2.13 -38.25
CA ALA A 338 5.85 0.89 -37.73
C ALA A 338 7.08 0.41 -38.50
N LYS A 339 7.43 1.08 -39.61
CA LYS A 339 8.70 0.78 -40.25
C LYS A 339 9.87 1.05 -39.30
N ASP A 340 9.70 2.00 -38.39
CA ASP A 340 10.62 2.19 -37.26
C ASP A 340 10.41 1.04 -36.29
N PRO A 341 11.35 0.10 -36.15
CA PRO A 341 11.08 -1.07 -35.30
C PRO A 341 10.80 -0.71 -33.85
N ARG A 342 11.22 0.48 -33.41
CA ARG A 342 10.91 0.91 -32.05
C ARG A 342 9.43 1.22 -31.91
N ILE A 343 8.84 1.85 -32.93
CA ILE A 343 7.41 2.10 -32.92
C ILE A 343 6.65 0.78 -32.97
N ALA A 344 7.14 -0.15 -33.79
CA ALA A 344 6.48 -1.45 -33.90
C ALA A 344 6.46 -2.17 -32.56
N ALA A 345 7.58 -2.12 -31.82
CA ALA A 345 7.61 -2.75 -30.51
C ALA A 345 6.71 -2.03 -29.52
N THR A 346 6.64 -0.70 -29.59
CA THR A 346 5.73 0.04 -28.73
C THR A 346 4.29 -0.46 -28.92
N MET A 347 3.85 -0.57 -30.17
CA MET A 347 2.48 -1.01 -30.44
C MET A 347 2.29 -2.46 -30.02
N GLU A 348 3.26 -3.32 -30.29
CA GLU A 348 3.14 -4.71 -29.90
C GLU A 348 2.99 -4.86 -28.38
N ASN A 349 3.84 -4.16 -27.63
CA ASN A 349 3.74 -4.22 -26.18
C ASN A 349 2.41 -3.64 -25.69
N ALA A 350 1.91 -2.61 -26.38
CA ALA A 350 0.62 -2.05 -26.00
C ALA A 350 -0.52 -3.02 -26.27
N GLN A 351 -0.44 -3.77 -27.38
CA GLN A 351 -1.50 -4.72 -27.70
C GLN A 351 -1.51 -5.89 -26.74
N LYS A 352 -0.37 -6.23 -26.16
CA LYS A 352 -0.29 -7.26 -25.14
C LYS A 352 -0.51 -6.70 -23.73
N GLY A 353 -0.58 -5.38 -23.58
CA GLY A 353 -0.63 -4.74 -22.29
C GLY A 353 -2.05 -4.52 -21.79
N GLU A 354 -2.14 -3.82 -20.66
CA GLU A 354 -3.39 -3.52 -19.98
C GLU A 354 -3.66 -2.03 -20.13
N ILE A 355 -4.72 -1.69 -20.87
CA ILE A 355 -5.15 -0.29 -20.95
C ILE A 355 -5.29 0.26 -19.54
N MET A 356 -4.73 1.43 -19.29
CA MET A 356 -4.80 2.00 -17.95
C MET A 356 -6.24 2.40 -17.64
N PRO A 357 -6.84 1.89 -16.57
CA PRO A 357 -8.23 2.25 -16.28
C PRO A 357 -8.40 3.75 -16.05
N ASN A 358 -9.46 4.31 -16.63
CA ASN A 358 -9.75 5.74 -16.58
C ASN A 358 -10.64 6.12 -15.39
N ILE A 359 -10.74 5.25 -14.40
CA ILE A 359 -11.71 5.45 -13.33
C ILE A 359 -11.04 6.12 -12.13
N PRO A 360 -11.78 6.88 -11.31
CA PRO A 360 -11.14 7.56 -10.17
C PRO A 360 -10.57 6.61 -9.14
N GLN A 361 -10.95 5.34 -9.16
CA GLN A 361 -10.46 4.39 -8.16
C GLN A 361 -9.00 4.02 -8.37
N MET A 362 -8.37 4.49 -9.46
CA MET A 362 -6.97 4.15 -9.70
C MET A 362 -6.05 4.85 -8.72
N SER A 363 -6.44 6.03 -8.22
CA SER A 363 -5.60 6.77 -7.30
C SER A 363 -5.16 5.89 -6.13
N ALA A 364 -6.14 5.21 -5.50
CA ALA A 364 -5.80 4.32 -4.39
C ALA A 364 -4.95 3.15 -4.87
N PHE A 365 -5.15 2.69 -6.11
CA PHE A 365 -4.34 1.61 -6.64
C PHE A 365 -2.86 1.99 -6.66
N TRP A 366 -2.55 3.16 -7.22
CA TRP A 366 -1.15 3.58 -7.33
C TRP A 366 -0.49 3.59 -5.96
N TYR A 367 -1.17 4.17 -4.96
CA TYR A 367 -0.59 4.26 -3.62
C TYR A 367 -0.43 2.88 -2.99
N ALA A 368 -1.45 2.04 -3.12
CA ALA A 368 -1.40 0.73 -2.47
C ALA A 368 -0.31 -0.15 -3.09
N VAL A 369 -0.24 -0.19 -4.41
CA VAL A 369 0.73 -1.06 -5.06
C VAL A 369 2.15 -0.54 -4.88
N ARG A 370 2.33 0.78 -4.94
CA ARG A 370 3.66 1.35 -4.71
C ARG A 370 4.21 0.92 -3.35
N THR A 371 3.39 1.04 -2.30
CA THR A 371 3.82 0.62 -0.97
C THR A 371 4.14 -0.88 -0.95
N ALA A 372 3.31 -1.69 -1.61
CA ALA A 372 3.50 -3.14 -1.57
C ALA A 372 4.82 -3.54 -2.20
N VAL A 373 5.14 -2.98 -3.38
CA VAL A 373 6.37 -3.37 -4.05
C VAL A 373 7.57 -2.97 -3.21
N ILE A 374 7.55 -1.74 -2.69
CA ILE A 374 8.67 -1.27 -1.87
C ILE A 374 8.81 -2.13 -0.62
N ASN A 375 7.68 -2.43 0.04
CA ASN A 375 7.74 -3.25 1.25
C ASN A 375 8.25 -4.65 0.96
N ALA A 376 7.81 -5.24 -0.15
CA ALA A 376 8.23 -6.61 -0.46
C ALA A 376 9.68 -6.65 -0.93
N ALA A 377 10.10 -5.65 -1.72
CA ALA A 377 11.47 -5.67 -2.23
C ALA A 377 12.50 -5.37 -1.15
N SER A 378 12.10 -4.65 -0.11
CA SER A 378 13.00 -4.29 0.97
C SER A 378 12.95 -5.28 2.13
N GLY A 379 11.96 -6.16 2.18
CA GLY A 379 11.83 -7.10 3.26
C GLY A 379 10.94 -6.67 4.40
N ARG A 380 10.26 -5.53 4.29
CA ARG A 380 9.32 -5.13 5.32
C ARG A 380 8.12 -6.06 5.39
N GLN A 381 7.79 -6.71 4.27
CA GLN A 381 6.71 -7.68 4.21
C GLN A 381 7.10 -8.79 3.24
N THR A 382 6.44 -9.93 3.39
CA THR A 382 6.55 -10.94 2.35
C THR A 382 5.76 -10.48 1.12
N VAL A 383 5.97 -11.19 0.01
CA VAL A 383 5.19 -10.88 -1.19
C VAL A 383 3.70 -11.04 -0.90
N ASP A 384 3.32 -12.14 -0.24
CA ASP A 384 1.90 -12.39 0.01
C ASP A 384 1.31 -11.34 0.93
N GLU A 385 2.04 -10.95 1.98
CA GLU A 385 1.53 -9.93 2.89
C GLU A 385 1.39 -8.58 2.20
N ALA A 386 2.37 -8.21 1.38
CA ALA A 386 2.34 -6.91 0.73
C ALA A 386 1.17 -6.80 -0.24
N LEU A 387 0.99 -7.81 -1.09
CA LEU A 387 -0.07 -7.75 -2.08
C LEU A 387 -1.44 -7.83 -1.43
N LYS A 388 -1.56 -8.63 -0.36
CA LYS A 388 -2.81 -8.71 0.39
C LYS A 388 -3.25 -7.32 0.85
N ASP A 389 -2.33 -6.56 1.45
CA ASP A 389 -2.68 -5.22 1.90
C ASP A 389 -3.00 -4.30 0.72
N ALA A 390 -2.24 -4.43 -0.38
CA ALA A 390 -2.53 -3.62 -1.56
C ALA A 390 -3.91 -3.94 -2.11
N GLN A 391 -4.27 -5.23 -2.11
CA GLN A 391 -5.63 -5.63 -2.47
C GLN A 391 -6.65 -4.90 -1.61
N THR A 392 -6.55 -5.09 -0.28
CA THR A 392 -7.43 -4.40 0.65
C THR A 392 -7.45 -2.90 0.35
N GLY A 393 -6.26 -2.29 0.25
CA GLY A 393 -6.21 -0.85 0.02
C GLY A 393 -6.87 -0.42 -1.27
N THR A 394 -6.79 -1.25 -2.31
CA THR A 394 -7.41 -0.88 -3.58
C THR A 394 -8.92 -1.14 -3.55
N GLN A 395 -9.35 -2.25 -2.97
CA GLN A 395 -10.78 -2.53 -2.89
C GLN A 395 -11.50 -1.51 -2.02
N THR A 396 -10.95 -1.21 -0.85
CA THR A 396 -11.60 -0.31 0.10
C THR A 396 -11.27 1.15 -0.13
N GLN A 397 -10.35 1.46 -1.06
CA GLN A 397 -10.07 2.84 -1.46
C GLN A 397 -9.64 3.71 -0.29
N VAL A 398 -8.90 3.12 0.66
CA VAL A 398 -8.40 3.90 1.78
C VAL A 398 -7.47 5.00 1.27
N SER A 399 -7.69 6.21 1.75
CA SER A 399 -6.82 7.34 1.43
C SER A 399 -7.20 8.49 2.36
N GLN A 400 -6.28 9.43 2.52
CA GLN A 400 -6.57 10.59 3.36
C GLN A 400 -7.84 11.29 2.91
N ARG A 401 -8.14 11.26 1.60
CA ARG A 401 -9.38 11.84 1.12
C ARG A 401 -10.59 11.12 1.70
N LEU A 402 -10.48 9.80 1.93
CA LEU A 402 -11.58 9.06 2.53
C LEU A 402 -11.84 9.53 3.96
N ALA A 403 -10.79 9.61 4.77
CA ALA A 403 -10.95 10.09 6.14
C ALA A 403 -11.44 11.54 6.16
N THR A 404 -10.96 12.36 5.22
CA THR A 404 -11.43 13.73 5.12
C THR A 404 -12.91 13.79 4.78
N ASP A 405 -13.35 12.98 3.82
CA ASP A 405 -14.76 12.96 3.47
C ASP A 405 -15.62 12.55 4.66
N LEU A 406 -15.18 11.53 5.41
CA LEU A 406 -15.94 11.11 6.58
C LEU A 406 -15.92 12.17 7.67
N LEU A 407 -14.79 12.86 7.84
CA LEU A 407 -14.72 13.91 8.83
C LEU A 407 -15.75 15.01 8.56
N SER A 408 -16.03 15.27 7.29
CA SER A 408 -16.98 16.32 6.96
C SER A 408 -18.42 15.87 7.13
N LEU A 409 -18.69 14.58 6.94
CA LEU A 409 -20.03 14.06 7.17
C LEU A 409 -20.35 13.93 8.65
N MET A 410 -19.34 13.98 9.52
CA MET A 410 -19.53 13.64 10.92
C MET A 410 -20.76 14.27 11.56
N PRO A 411 -21.07 15.55 11.36
CA PRO A 411 -22.22 16.14 12.05
C PRO A 411 -23.55 15.50 11.66
N SER A 412 -23.64 14.90 10.47
CA SER A 412 -24.87 14.29 9.99
C SER A 412 -24.84 12.77 10.07
N LEU A 413 -23.78 12.18 10.62
CA LEU A 413 -23.74 10.74 10.78
C LEU A 413 -24.48 10.34 12.06
N THR A 414 -25.16 9.20 12.00
CA THR A 414 -25.83 8.67 13.17
C THR A 414 -24.80 7.99 14.09
N SER A 415 -25.25 7.65 15.30
CA SER A 415 -24.37 6.94 16.22
C SER A 415 -23.96 5.58 15.67
N GLY A 416 -24.90 4.89 15.01
CA GLY A 416 -24.56 3.60 14.41
C GLY A 416 -23.57 3.73 13.27
N GLU A 417 -23.68 4.82 12.50
CA GLU A 417 -22.75 5.03 11.40
C GLU A 417 -21.34 5.31 11.93
N VAL A 418 -21.24 6.05 13.04
CA VAL A 418 -19.95 6.29 13.67
C VAL A 418 -19.38 4.97 14.19
N ALA A 419 -20.20 4.20 14.90
CA ALA A 419 -19.77 2.89 15.38
C ALA A 419 -19.27 2.03 14.22
N HIS A 420 -20.00 2.04 13.10
CA HIS A 420 -19.56 1.29 11.92
C HIS A 420 -18.22 1.82 11.42
N CYS A 421 -18.09 3.15 11.31
CA CYS A 421 -16.84 3.73 10.85
CA CYS A 421 -16.85 3.75 10.87
C CYS A 421 -15.69 3.33 11.76
N ALA A 422 -15.85 3.52 13.07
CA ALA A 422 -14.78 3.17 14.01
C ALA A 422 -14.36 1.72 13.84
N LYS A 423 -15.35 0.81 13.81
CA LYS A 423 -15.03 -0.60 13.66
C LYS A 423 -14.20 -0.86 12.40
N SER A 424 -14.55 -0.20 11.30
CA SER A 424 -13.88 -0.50 10.03
C SER A 424 -12.47 0.08 10.01
N PHE A 425 -12.30 1.30 10.50
CA PHE A 425 -10.96 1.89 10.55
C PHE A 425 -10.05 1.10 11.48
N ALA A 426 -10.57 0.68 12.64
CA ALA A 426 -9.76 -0.11 13.55
C ALA A 426 -9.35 -1.44 12.91
N LEU A 427 -10.24 -2.01 12.09
CA LEU A 427 -9.93 -3.27 11.43
C LEU A 427 -8.78 -3.12 10.45
N LEU A 428 -8.73 -1.98 9.75
CA LEU A 428 -7.62 -1.70 8.85
C LEU A 428 -6.39 -1.15 9.55
N LYS A 429 -6.42 -1.03 10.88
CA LYS A 429 -5.31 -0.47 11.64
C LYS A 429 -5.01 0.96 11.20
N TRP A 430 -6.04 1.65 10.72
CA TRP A 430 -5.91 2.99 10.16
C TRP A 430 -6.37 3.99 11.21
N LEU A 431 -5.41 4.63 11.86
CA LEU A 431 -5.68 5.57 12.94
C LEU A 431 -5.56 6.99 12.40
N SER A 432 -6.67 7.52 11.91
CA SER A 432 -6.75 8.93 11.53
C SER A 432 -7.13 9.72 12.77
N LEU A 433 -6.15 10.32 13.42
CA LEU A 433 -6.40 11.07 14.65
C LEU A 433 -7.51 12.10 14.50
N PRO A 434 -7.55 12.92 13.44
CA PRO A 434 -8.67 13.87 13.33
C PRO A 434 -10.03 13.19 13.30
N LEU A 435 -10.12 12.01 12.67
CA LEU A 435 -11.41 11.34 12.58
C LEU A 435 -11.79 10.68 13.90
N PHE A 436 -10.82 10.09 14.60
CA PHE A 436 -11.12 9.42 15.87
C PHE A 436 -11.43 10.42 16.96
N GLU A 437 -10.82 11.61 16.92
CA GLU A 437 -11.23 12.66 17.84
C GLU A 437 -12.66 13.11 17.57
N ALA A 438 -13.07 13.11 16.30
CA ALA A 438 -14.45 13.46 15.97
C ALA A 438 -15.42 12.35 16.37
N PHE A 439 -14.97 11.09 16.32
CA PHE A 439 -15.77 10.00 16.90
C PHE A 439 -16.06 10.28 18.37
N ALA A 440 -15.01 10.59 19.16
CA ALA A 440 -15.20 10.83 20.58
C ALA A 440 -16.16 11.99 20.82
N GLN A 441 -15.99 13.08 20.09
CA GLN A 441 -16.89 14.23 20.26
C GLN A 441 -18.30 13.89 19.81
N HIS A 442 -18.42 13.08 18.76
CA HIS A 442 -19.74 12.65 18.30
C HIS A 442 -20.46 11.88 19.40
N VAL A 443 -19.74 10.98 20.08
CA VAL A 443 -20.32 10.21 21.17
C VAL A 443 -20.76 11.14 22.31
N LEU A 444 -19.91 12.09 22.67
CA LEU A 444 -20.25 12.98 23.78
C LEU A 444 -21.46 13.85 23.45
N ASN A 445 -21.53 14.38 22.23
CA ASN A 445 -22.67 15.20 21.86
C ASN A 445 -23.98 14.42 21.87
N ARG A 446 -23.91 13.09 21.82
CA ARG A 446 -25.10 12.23 21.84
C ARG A 446 -25.14 11.32 23.06
N ALA A 447 -24.40 11.67 24.12
CA ALA A 447 -24.42 10.86 25.33
C ALA A 447 -25.83 10.64 25.84
N GLN A 448 -26.77 11.50 25.44
CA GLN A 448 -28.14 11.40 25.92
C GLN A 448 -28.80 10.11 25.44
N ASP A 449 -28.76 9.85 24.13
CA ASP A 449 -29.53 8.78 23.53
C ASP A 449 -28.67 7.71 22.87
N ILE A 450 -27.35 7.77 23.01
CA ILE A 450 -26.50 6.78 22.37
C ILE A 450 -26.70 5.43 23.06
N THR A 451 -26.95 4.39 22.28
CA THR A 451 -27.11 3.05 22.81
C THR A 451 -25.77 2.46 23.22
N LEU A 452 -25.82 1.46 24.09
CA LEU A 452 -24.60 0.84 24.56
C LEU A 452 -23.80 0.18 23.45
N PRO A 453 -24.41 -0.59 22.53
CA PRO A 453 -23.62 -1.16 21.43
C PRO A 453 -22.88 -0.12 20.63
N HIS A 454 -23.54 1.00 20.31
CA HIS A 454 -22.87 2.04 19.53
C HIS A 454 -21.72 2.68 20.32
N LEU A 455 -21.92 2.88 21.62
CA LEU A 455 -20.83 3.38 22.45
C LEU A 455 -19.69 2.37 22.53
N CYS A 456 -20.04 1.08 22.68
CA CYS A 456 -19.01 0.06 22.87
C CYS A 456 -18.17 -0.13 21.62
N SER A 457 -18.79 -0.04 20.44
CA SER A 457 -18.01 -0.17 19.20
C SER A 457 -16.90 0.86 19.14
N VAL A 458 -17.17 2.08 19.64
CA VAL A 458 -16.14 3.11 19.63
C VAL A 458 -15.06 2.78 20.65
N LEU A 459 -15.46 2.40 21.86
CA LEU A 459 -14.49 1.99 22.87
C LEU A 459 -13.57 0.91 22.34
N LEU A 460 -14.15 -0.13 21.74
CA LEU A 460 -13.34 -1.24 21.24
C LEU A 460 -12.42 -0.79 20.11
N ALA A 461 -12.88 0.14 19.28
CA ALA A 461 -12.02 0.67 18.22
C ALA A 461 -10.86 1.48 18.81
N PHE A 462 -11.16 2.36 19.79
CA PHE A 462 -10.10 3.10 20.45
C PHE A 462 -9.05 2.17 21.04
N ALA A 463 -9.48 1.11 21.73
CA ALA A 463 -8.54 0.20 22.35
C ALA A 463 -7.70 -0.53 21.30
N ARG A 464 -8.32 -0.96 20.21
CA ARG A 464 -7.58 -1.70 19.20
C ARG A 464 -6.40 -0.88 18.67
N LEU A 465 -6.60 0.42 18.45
CA LEU A 465 -5.55 1.28 17.93
C LEU A 465 -4.88 2.12 19.01
N ASN A 466 -5.23 1.91 20.27
CA ASN A 466 -4.65 2.65 21.39
C ASN A 466 -4.83 4.16 21.22
N PHE A 467 -6.06 4.58 20.98
CA PHE A 467 -6.39 5.99 20.81
C PHE A 467 -6.95 6.55 22.10
N HIS A 468 -6.42 7.68 22.51
CA HIS A 468 -6.88 8.42 23.70
C HIS A 468 -7.39 9.77 23.25
N PRO A 469 -8.69 10.06 23.37
CA PRO A 469 -9.21 11.35 22.93
C PRO A 469 -8.77 12.47 23.85
N ASP A 470 -8.96 13.70 23.38
CA ASP A 470 -8.58 14.87 24.17
C ASP A 470 -9.49 15.02 25.39
N GLN A 471 -10.80 14.90 25.19
CA GLN A 471 -11.75 14.89 26.31
C GLN A 471 -11.80 13.49 26.92
N GLU A 472 -10.63 13.05 27.40
CA GLU A 472 -10.47 11.66 27.83
C GLU A 472 -11.32 11.36 29.06
N ASP A 473 -11.25 12.23 30.07
CA ASP A 473 -12.06 12.04 31.27
C ASP A 473 -13.55 11.99 30.91
N GLN A 474 -13.98 12.87 30.00
CA GLN A 474 -15.41 12.95 29.67
C GLN A 474 -15.88 11.72 28.91
N PHE A 475 -15.05 11.21 27.99
CA PHE A 475 -15.45 10.05 27.20
C PHE A 475 -15.59 8.81 28.08
N PHE A 476 -14.59 8.55 28.92
CA PHE A 476 -14.62 7.34 29.74
C PHE A 476 -15.53 7.47 30.94
N SER A 477 -15.82 8.69 31.38
CA SER A 477 -16.89 8.87 32.37
C SER A 477 -18.22 8.36 31.83
N LEU A 478 -18.52 8.68 30.56
CA LEU A 478 -19.72 8.16 29.92
C LEU A 478 -19.66 6.64 29.81
N VAL A 479 -18.51 6.11 29.39
CA VAL A 479 -18.36 4.66 29.27
C VAL A 479 -18.64 3.98 30.60
N HIS A 480 -17.97 4.45 31.66
CA HIS A 480 -18.19 3.86 32.98
C HIS A 480 -19.65 3.99 33.40
N GLU A 481 -20.24 5.16 33.17
CA GLU A 481 -21.62 5.39 33.56
C GLU A 481 -22.56 4.44 32.84
N LYS A 482 -22.49 4.41 31.50
CA LYS A 482 -23.40 3.57 30.73
C LYS A 482 -23.15 2.08 30.98
N LEU A 483 -21.91 1.70 31.30
CA LEU A 483 -21.56 0.30 31.41
C LEU A 483 -21.78 -0.26 32.81
N GLY A 484 -21.73 0.59 33.84
CA GLY A 484 -21.82 0.09 35.20
C GLY A 484 -23.06 -0.75 35.44
N SER A 485 -24.23 -0.24 35.03
CA SER A 485 -25.47 -0.92 35.36
C SER A 485 -25.78 -2.09 34.44
N GLU A 486 -25.28 -2.07 33.20
CA GLU A 486 -25.63 -3.09 32.22
C GLU A 486 -24.55 -4.13 31.99
N LEU A 487 -23.34 -3.94 32.53
CA LEU A 487 -22.27 -4.89 32.27
C LEU A 487 -22.64 -6.31 32.70
N PRO A 488 -23.18 -6.54 33.90
CA PRO A 488 -23.44 -7.94 34.31
C PRO A 488 -24.40 -8.66 33.40
N GLY A 489 -25.32 -7.95 32.75
CA GLY A 489 -26.30 -8.59 31.90
C GLY A 489 -25.83 -8.90 30.49
N LEU A 490 -24.66 -8.39 30.10
CA LEU A 490 -24.14 -8.63 28.76
C LEU A 490 -23.68 -10.07 28.60
N GLU A 491 -23.57 -10.51 27.35
CA GLU A 491 -22.97 -11.80 27.07
C GLU A 491 -21.59 -11.88 27.72
N PRO A 492 -21.24 -13.01 28.36
CA PRO A 492 -19.98 -13.04 29.12
C PRO A 492 -18.76 -12.69 28.29
N ALA A 493 -18.62 -13.29 27.10
CA ALA A 493 -17.47 -13.00 26.26
C ALA A 493 -17.38 -11.52 25.92
N LEU A 494 -18.52 -10.83 25.84
CA LEU A 494 -18.50 -9.40 25.53
C LEU A 494 -18.04 -8.59 26.73
N GLN A 495 -18.49 -8.96 27.93
CA GLN A 495 -17.98 -8.32 29.13
C GLN A 495 -16.44 -8.34 29.14
N VAL A 496 -15.86 -9.50 28.82
CA VAL A 496 -14.41 -9.60 28.76
C VAL A 496 -13.86 -8.65 27.70
N ASP A 497 -14.45 -8.66 26.50
CA ASP A 497 -13.97 -7.78 25.45
C ASP A 497 -13.96 -6.32 25.89
N LEU A 498 -14.97 -5.90 26.66
CA LEU A 498 -15.10 -4.51 27.03
C LEU A 498 -14.15 -4.13 28.17
N VAL A 499 -14.10 -4.94 29.22
CA VAL A 499 -13.15 -4.68 30.30
C VAL A 499 -11.73 -4.72 29.78
N TRP A 500 -11.42 -5.70 28.92
CA TRP A 500 -10.09 -5.76 28.30
C TRP A 500 -9.76 -4.48 27.57
N ALA A 501 -10.73 -3.91 26.85
CA ALA A 501 -10.49 -2.67 26.12
C ALA A 501 -10.19 -1.53 27.08
N LEU A 502 -10.85 -1.50 28.23
CA LEU A 502 -10.56 -0.46 29.21
C LEU A 502 -9.19 -0.65 29.85
N CYS A 503 -8.77 -1.91 30.04
CA CYS A 503 -7.42 -2.18 30.53
C CYS A 503 -6.37 -1.69 29.54
N VAL A 504 -6.60 -1.92 28.24
CA VAL A 504 -5.67 -1.44 27.22
C VAL A 504 -5.47 0.06 27.38
N LEU A 505 -6.57 0.79 27.56
CA LEU A 505 -6.53 2.26 27.63
C LEU A 505 -6.27 2.78 29.04
N GLN A 506 -6.01 1.91 30.01
CA GLN A 506 -5.71 2.31 31.38
C GLN A 506 -6.88 3.05 32.02
N GLN A 507 -8.09 2.55 31.77
CA GLN A 507 -9.30 3.18 32.28
C GLN A 507 -10.18 2.24 33.09
N ALA A 508 -9.84 0.96 33.18
CA ALA A 508 -10.64 0.02 33.95
C ALA A 508 -10.78 0.50 35.38
N ARG A 509 -11.94 0.26 35.96
CA ARG A 509 -12.20 0.56 37.37
C ARG A 509 -12.38 -0.74 38.13
N GLU A 510 -12.04 -0.69 39.42
CA GLU A 510 -12.03 -1.90 40.23
C GLU A 510 -13.35 -2.66 40.09
N ALA A 511 -14.47 -1.94 40.04
CA ALA A 511 -15.76 -2.61 39.93
C ALA A 511 -15.91 -3.35 38.61
N GLU A 512 -15.26 -2.87 37.55
CA GLU A 512 -15.32 -3.56 36.26
C GLU A 512 -14.41 -4.78 36.27
N LEU A 513 -13.17 -4.62 36.77
CA LEU A 513 -12.30 -5.78 36.98
C LEU A 513 -13.00 -6.83 37.82
N GLN A 514 -13.62 -6.41 38.93
CA GLN A 514 -14.31 -7.34 39.81
C GLN A 514 -15.43 -8.07 39.08
N ALA A 515 -16.17 -7.35 38.23
CA ALA A 515 -17.30 -7.95 37.54
C ALA A 515 -16.87 -9.13 36.69
N VAL A 516 -15.63 -9.11 36.19
CA VAL A 516 -15.14 -10.17 35.32
C VAL A 516 -14.16 -11.10 36.03
N LEU A 517 -13.63 -10.73 37.18
CA LEU A 517 -12.66 -11.54 37.89
C LEU A 517 -13.23 -12.28 39.09
N HIS A 518 -14.52 -12.15 39.38
CA HIS A 518 -15.06 -12.89 40.52
C HIS A 518 -15.15 -14.38 40.16
N PRO A 519 -15.03 -15.26 41.15
CA PRO A 519 -14.75 -16.67 40.87
C PRO A 519 -15.70 -17.38 39.91
N GLU A 520 -16.76 -16.73 39.45
CA GLU A 520 -17.70 -17.38 38.55
C GLU A 520 -17.21 -17.34 37.10
N PHE A 521 -16.76 -16.16 36.65
CA PHE A 521 -16.49 -15.95 35.23
C PHE A 521 -15.47 -16.93 34.66
N HIS A 522 -14.61 -17.51 35.49
CA HIS A 522 -13.45 -18.22 34.97
C HIS A 522 -13.83 -19.61 34.46
N ILE A 523 -14.34 -20.45 35.37
CA ILE A 523 -14.76 -21.81 35.05
C ILE A 523 -15.54 -21.79 33.74
N GLN A 524 -16.24 -20.70 33.49
CA GLN A 524 -17.01 -20.54 32.25
C GLN A 524 -16.11 -20.68 31.04
N PHE A 525 -15.19 -19.73 30.85
CA PHE A 525 -14.31 -19.79 29.69
C PHE A 525 -13.13 -20.73 29.90
N LEU A 526 -12.72 -20.95 31.15
CA LEU A 526 -11.58 -21.82 31.43
C LEU A 526 -11.72 -23.15 30.70
N GLY A 527 -12.87 -23.80 30.84
CA GLY A 527 -13.07 -25.11 30.25
C GLY A 527 -13.66 -25.03 28.87
N GLY A 528 -12.84 -24.69 27.88
CA GLY A 528 -13.31 -24.57 26.52
C GLY A 528 -12.22 -24.95 25.54
N LYS A 529 -12.66 -25.47 24.39
CA LYS A 529 -11.76 -25.84 23.29
C LYS A 529 -12.07 -25.05 22.02
N SER A 530 -12.99 -24.08 22.10
CA SER A 530 -13.51 -23.45 20.89
C SER A 530 -12.45 -22.68 20.12
N GLN A 531 -11.36 -22.27 20.78
CA GLN A 531 -10.43 -21.28 20.25
C GLN A 531 -11.04 -19.88 20.34
N LYS A 532 -12.36 -19.81 20.55
CA LYS A 532 -13.05 -18.56 20.83
C LYS A 532 -13.13 -18.32 22.34
N ASP A 533 -13.53 -19.35 23.10
CA ASP A 533 -13.38 -19.29 24.55
C ASP A 533 -11.91 -19.14 24.93
N GLN A 534 -11.02 -19.78 24.16
CA GLN A 534 -9.60 -19.68 24.45
C GLN A 534 -9.09 -18.25 24.24
N ASN A 535 -9.62 -17.55 23.24
CA ASN A 535 -9.29 -16.14 23.09
C ASN A 535 -9.91 -15.31 24.20
N THR A 536 -11.18 -15.56 24.50
CA THR A 536 -11.81 -14.89 25.62
C THR A 536 -11.00 -15.11 26.89
N PHE A 537 -10.51 -16.32 27.09
CA PHE A 537 -9.77 -16.58 28.31
C PHE A 537 -8.43 -15.85 28.30
N GLN A 538 -7.72 -15.89 27.17
CA GLN A 538 -6.47 -15.14 27.07
C GLN A 538 -6.68 -13.69 27.47
N LYS A 539 -7.76 -13.07 27.00
CA LYS A 539 -8.06 -11.70 27.41
C LYS A 539 -8.36 -11.63 28.90
N LEU A 540 -8.90 -12.71 29.48
CA LEU A 540 -9.10 -12.71 30.93
C LEU A 540 -7.76 -12.67 31.67
N LEU A 541 -6.77 -13.41 31.18
CA LEU A 541 -5.44 -13.33 31.79
C LEU A 541 -4.88 -11.92 31.73
N HIS A 542 -5.15 -11.20 30.62
CA HIS A 542 -4.69 -9.83 30.52
C HIS A 542 -5.39 -8.93 31.53
N ILE A 543 -6.70 -9.14 31.72
CA ILE A 543 -7.43 -8.37 32.74
C ILE A 543 -6.87 -8.69 34.12
N ASN A 544 -6.76 -9.99 34.44
CA ASN A 544 -6.19 -10.41 35.71
C ASN A 544 -4.79 -9.83 35.89
N ALA A 545 -3.97 -9.87 34.83
CA ALA A 545 -2.63 -9.32 34.92
C ALA A 545 -2.68 -7.83 35.23
N THR A 546 -3.64 -7.11 34.65
CA THR A 546 -3.78 -5.69 34.94
C THR A 546 -4.11 -5.46 36.40
N ALA A 547 -4.98 -6.28 36.97
CA ALA A 547 -5.34 -6.14 38.38
C ALA A 547 -4.12 -6.39 39.27
N LEU A 548 -3.37 -7.45 38.98
CA LEU A 548 -2.20 -7.77 39.78
C LEU A 548 -1.15 -6.67 39.70
N LEU A 549 -0.85 -6.21 38.49
CA LEU A 549 0.36 -5.44 38.22
C LEU A 549 0.16 -3.94 38.20
N GLU A 550 -1.06 -3.44 37.93
CA GLU A 550 -1.25 -2.01 37.72
C GLU A 550 -2.24 -1.37 38.70
N TYR A 551 -2.89 -2.15 39.56
CA TYR A 551 -3.82 -1.62 40.57
C TYR A 551 -3.32 -2.05 41.94
N PRO A 552 -2.50 -1.23 42.61
CA PRO A 552 -1.90 -1.70 43.87
C PRO A 552 -2.90 -1.85 44.99
N GLU A 553 -3.90 -0.98 45.05
CA GLU A 553 -4.92 -1.05 46.08
C GLU A 553 -6.03 -2.04 45.77
N TYR A 554 -5.95 -2.72 44.63
CA TYR A 554 -7.01 -3.68 44.27
C TYR A 554 -7.04 -4.82 45.27
N SER A 555 -8.15 -4.94 45.98
CA SER A 555 -8.38 -6.04 46.92
C SER A 555 -9.51 -6.94 46.46
N GLY A 556 -9.88 -6.88 45.18
CA GLY A 556 -10.93 -7.70 44.65
C GLY A 556 -10.45 -9.09 44.31
N PRO A 557 -11.29 -9.87 43.62
CA PRO A 557 -10.91 -11.23 43.25
C PRO A 557 -9.95 -11.26 42.08
N LEU A 558 -9.10 -12.29 42.08
CA LEU A 558 -8.18 -12.57 40.99
C LEU A 558 -8.35 -14.02 40.57
N LEU A 559 -7.82 -14.34 39.38
CA LEU A 559 -7.83 -15.73 38.94
C LEU A 559 -6.97 -16.56 39.90
N PRO A 560 -7.36 -17.81 40.15
CA PRO A 560 -6.49 -18.68 40.96
C PRO A 560 -5.18 -18.96 40.22
N ALA A 561 -4.11 -19.11 41.02
CA ALA A 561 -2.80 -19.35 40.43
C ALA A 561 -2.75 -20.60 39.57
N SER A 562 -3.65 -21.54 39.79
CA SER A 562 -3.65 -22.78 39.03
C SER A 562 -4.22 -22.63 37.63
N ALA A 563 -4.83 -21.48 37.32
CA ALA A 563 -5.54 -21.29 36.06
C ALA A 563 -4.81 -20.33 35.13
N VAL A 564 -3.49 -20.22 35.26
CA VAL A 564 -2.70 -19.31 34.44
C VAL A 564 -1.63 -20.04 33.64
N ALA A 565 -1.63 -21.38 33.67
CA ALA A 565 -0.68 -22.16 32.89
C ALA A 565 -1.28 -22.55 31.55
N LYS A 574 3.65 -21.89 14.28
CA LYS A 574 4.01 -20.86 13.31
C LYS A 574 5.14 -20.00 13.86
N VAL A 575 6.20 -19.83 13.06
CA VAL A 575 7.39 -19.09 13.47
C VAL A 575 7.81 -18.18 12.32
N THR A 576 7.99 -16.89 12.61
CA THR A 576 8.33 -15.91 11.59
C THR A 576 9.82 -15.87 11.34
N PRO A 577 10.25 -15.33 10.20
CA PRO A 577 11.70 -15.11 10.00
C PRO A 577 12.32 -14.26 11.08
N LEU A 578 11.70 -13.14 11.45
CA LEU A 578 12.24 -12.28 12.50
C LEU A 578 12.40 -13.08 13.80
N GLN A 579 11.37 -13.83 14.18
CA GLN A 579 11.46 -14.65 15.37
C GLN A 579 12.60 -15.65 15.26
N LYS A 580 12.79 -16.22 14.07
CA LYS A 580 13.83 -17.22 13.87
C LYS A 580 15.21 -16.61 14.01
N GLU A 581 15.48 -15.53 13.27
CA GLU A 581 16.81 -14.93 13.30
C GLU A 581 17.13 -14.37 14.68
N LEU A 582 16.15 -13.74 15.34
CA LEU A 582 16.39 -13.23 16.68
C LEU A 582 16.81 -14.36 17.62
N GLN A 583 16.21 -15.54 17.48
CA GLN A 583 16.57 -16.66 18.35
C GLN A 583 17.98 -17.17 18.04
N GLU A 584 18.31 -17.31 16.76
CA GLU A 584 19.64 -17.79 16.41
C GLU A 584 20.72 -16.81 16.84
N THR A 585 20.50 -15.52 16.61
CA THR A 585 21.46 -14.51 17.08
C THR A 585 21.63 -14.59 18.58
N LEU A 586 20.52 -14.69 19.32
CA LEU A 586 20.62 -14.74 20.78
C LEU A 586 21.34 -15.99 21.25
N LYS A 587 21.05 -17.14 20.63
CA LYS A 587 21.74 -18.37 20.99
C LYS A 587 23.25 -18.20 20.85
N GLY A 588 23.70 -17.50 19.80
CA GLY A 588 25.12 -17.29 19.62
C GLY A 588 25.72 -16.41 20.70
N LEU A 589 25.00 -15.36 21.09
CA LEU A 589 25.51 -14.46 22.13
C LEU A 589 25.59 -15.17 23.48
N LEU A 590 24.51 -15.88 23.85
CA LEU A 590 24.47 -16.54 25.15
C LEU A 590 25.54 -17.62 25.26
N GLY A 591 25.72 -18.41 24.20
CA GLY A 591 26.73 -19.46 24.18
C GLY A 591 26.27 -20.77 24.77
N SER A 592 25.59 -20.71 25.91
CA SER A 592 25.08 -21.89 26.59
C SER A 592 23.57 -21.75 26.78
N ALA A 593 22.88 -22.90 26.75
CA ALA A 593 21.43 -22.88 26.87
C ALA A 593 20.96 -22.37 28.22
N ASP A 594 21.81 -22.46 29.26
CA ASP A 594 21.40 -22.09 30.61
C ASP A 594 21.42 -20.59 30.86
N LYS A 595 22.06 -19.80 29.98
CA LYS A 595 22.18 -18.37 30.18
C LYS A 595 21.03 -17.58 29.56
N GLY A 596 19.97 -18.26 29.15
CA GLY A 596 18.79 -17.60 28.63
C GLY A 596 17.69 -18.60 28.39
N SER A 597 16.46 -18.09 28.41
CA SER A 597 15.26 -18.88 28.15
C SER A 597 14.51 -18.27 26.98
N LEU A 598 14.24 -19.08 25.97
CA LEU A 598 13.56 -18.65 24.76
C LEU A 598 12.09 -19.04 24.81
N GLU A 599 11.25 -18.21 24.19
CA GLU A 599 9.81 -18.44 24.12
C GLU A 599 9.24 -18.69 25.51
N VAL A 600 9.37 -17.67 26.36
CA VAL A 600 9.01 -17.77 27.77
C VAL A 600 7.56 -17.34 27.91
N ALA A 601 6.68 -18.30 28.22
CA ALA A 601 5.28 -18.01 28.48
C ALA A 601 5.11 -17.54 29.92
N THR A 602 4.55 -16.35 30.09
CA THR A 602 4.28 -15.81 31.42
C THR A 602 2.89 -16.23 31.89
N GLN A 603 2.62 -15.99 33.17
CA GLN A 603 1.29 -16.23 33.73
C GLN A 603 0.31 -15.11 33.39
N TYR A 604 0.75 -14.10 32.64
CA TYR A 604 -0.10 -13.00 32.23
C TYR A 604 -0.60 -13.15 30.81
N GLY A 605 -0.36 -14.30 30.18
CA GLY A 605 -0.76 -14.56 28.82
C GLY A 605 0.27 -14.19 27.77
N TRP A 606 1.24 -13.35 28.09
CA TRP A 606 2.22 -12.91 27.11
C TRP A 606 3.40 -13.86 27.07
N VAL A 607 4.06 -13.91 25.91
CA VAL A 607 5.21 -14.78 25.68
C VAL A 607 6.41 -13.90 25.34
N LEU A 608 7.50 -14.10 26.08
CA LEU A 608 8.74 -13.39 25.82
C LEU A 608 9.55 -14.15 24.78
N ASP A 609 10.02 -13.44 23.76
CA ASP A 609 10.92 -14.07 22.80
C ASP A 609 12.14 -14.64 23.52
N ALA A 610 12.64 -13.94 24.53
CA ALA A 610 13.75 -14.44 25.32
C ALA A 610 13.80 -13.69 26.64
N GLU A 611 14.45 -14.31 27.62
CA GLU A 611 14.68 -13.71 28.93
C GLU A 611 16.10 -14.03 29.36
N VAL A 612 16.78 -13.03 29.95
CA VAL A 612 18.10 -13.22 30.52
C VAL A 612 18.13 -12.54 31.88
N LEU A 613 18.98 -13.03 32.76
CA LEU A 613 19.20 -12.45 34.08
C LEU A 613 20.66 -12.01 34.14
N LEU A 614 20.88 -10.70 34.13
CA LEU A 614 22.22 -10.14 34.22
C LEU A 614 22.55 -9.82 35.67
N ASP A 615 23.77 -10.15 36.08
CA ASP A 615 24.27 -9.71 37.36
C ASP A 615 24.67 -8.24 37.26
N SER A 616 25.19 -7.69 38.36
CA SER A 616 25.55 -6.28 38.40
C SER A 616 26.69 -5.93 37.45
N ASP A 617 27.39 -6.93 36.89
CA ASP A 617 28.47 -6.70 35.95
C ASP A 617 28.04 -6.87 34.50
N GLY A 618 26.76 -7.09 34.25
CA GLY A 618 26.27 -7.28 32.90
C GLY A 618 26.54 -8.64 32.30
N GLU A 619 26.94 -9.62 33.12
CA GLU A 619 27.23 -10.97 32.65
C GLU A 619 26.01 -11.86 32.88
N PHE A 620 25.78 -12.79 31.96
CA PHE A 620 24.59 -13.64 32.02
C PHE A 620 24.68 -14.60 33.20
N LEU A 621 23.62 -14.67 33.98
CA LEU A 621 23.45 -15.66 35.03
C LEU A 621 22.67 -16.85 34.51
N PRO A 622 22.82 -18.02 35.13
CA PRO A 622 21.93 -19.15 34.80
C PRO A 622 20.51 -18.86 35.23
N VAL A 623 19.70 -18.36 34.29
CA VAL A 623 18.45 -17.68 34.64
C VAL A 623 17.49 -18.63 35.37
N ARG A 624 17.36 -19.86 34.88
CA ARG A 624 16.36 -20.77 35.44
C ARG A 624 16.83 -21.44 36.73
N ASP A 625 18.00 -21.05 37.26
CA ASP A 625 18.35 -21.44 38.62
C ASP A 625 17.67 -20.56 39.67
N PHE A 626 16.99 -19.49 39.25
CA PHE A 626 16.44 -18.51 40.15
C PHE A 626 14.93 -18.46 40.03
N VAL A 627 14.28 -17.89 41.06
CA VAL A 627 12.84 -17.74 41.04
C VAL A 627 12.43 -16.83 39.89
N ALA A 628 11.21 -17.01 39.42
CA ALA A 628 10.67 -16.25 38.29
C ALA A 628 9.20 -15.98 38.55
N PRO A 629 8.89 -14.94 39.33
CA PRO A 629 7.48 -14.70 39.70
C PRO A 629 6.56 -14.56 38.50
N HIS A 630 7.07 -14.03 37.39
CA HIS A 630 6.25 -13.82 36.20
C HIS A 630 5.75 -15.11 35.58
N LEU A 631 6.23 -16.26 36.03
CA LEU A 631 5.87 -17.54 35.44
C LEU A 631 4.79 -18.24 36.26
N ALA A 632 4.08 -19.16 35.61
CA ALA A 632 3.05 -19.93 36.29
C ALA A 632 3.67 -21.04 37.14
N GLN A 633 4.72 -21.69 36.62
CA GLN A 633 5.43 -22.67 37.42
C GLN A 633 6.65 -22.04 38.07
N PRO A 634 6.99 -22.40 39.29
CA PRO A 634 8.30 -22.04 39.85
C PRO A 634 9.39 -22.91 39.25
N THR A 635 10.47 -22.27 38.78
CA THR A 635 11.50 -22.95 38.02
C THR A 635 12.89 -22.89 38.68
N GLY A 636 12.99 -22.35 39.89
CA GLY A 636 14.27 -22.21 40.55
C GLY A 636 14.13 -21.62 41.93
N SER A 637 14.97 -22.06 42.87
CA SER A 637 14.82 -21.66 44.26
C SER A 637 15.60 -20.40 44.60
N GLN A 638 16.74 -20.17 43.96
CA GLN A 638 17.65 -19.13 44.42
C GLN A 638 17.09 -17.74 44.12
N SER A 639 17.40 -16.80 45.01
CA SER A 639 17.00 -15.41 44.81
C SER A 639 18.02 -14.70 43.92
N PRO A 640 17.58 -13.86 42.98
CA PRO A 640 18.53 -13.15 42.13
C PRO A 640 19.48 -12.32 42.95
N PRO A 641 20.77 -12.31 42.62
CA PRO A 641 21.71 -11.48 43.38
C PRO A 641 21.28 -10.03 43.38
N PRO A 642 21.68 -9.26 44.39
CA PRO A 642 21.35 -7.83 44.39
C PRO A 642 22.08 -7.11 43.27
N GLY A 643 21.39 -6.16 42.65
CA GLY A 643 21.88 -5.57 41.43
C GLY A 643 21.57 -6.36 40.18
N SER A 644 20.98 -7.55 40.33
CA SER A 644 20.54 -8.31 39.18
C SER A 644 19.57 -7.48 38.34
N LYS A 645 19.60 -7.71 37.03
CA LYS A 645 18.71 -7.04 36.10
C LYS A 645 18.11 -8.10 35.19
N ARG A 646 16.79 -8.21 35.20
CA ARG A 646 16.07 -9.15 34.35
C ARG A 646 15.66 -8.44 33.07
N LEU A 647 16.08 -8.97 31.93
CA LEU A 647 15.80 -8.36 30.64
C LEU A 647 14.92 -9.28 29.79
N ALA A 648 13.94 -8.68 29.12
CA ALA A 648 13.05 -9.39 28.22
C ALA A 648 13.23 -8.85 26.81
N PHE A 649 13.46 -9.75 25.87
CA PHE A 649 13.52 -9.40 24.45
C PHE A 649 12.12 -9.56 23.87
N LEU A 650 11.57 -8.47 23.35
CA LEU A 650 10.22 -8.45 22.80
C LEU A 650 10.31 -8.04 21.33
N ARG A 651 9.89 -8.95 20.46
CA ARG A 651 9.89 -8.73 19.02
C ARG A 651 8.56 -8.11 18.59
N TRP A 652 8.65 -7.12 17.69
CA TRP A 652 7.46 -6.45 17.15
C TRP A 652 7.44 -6.63 15.64
N GLU A 653 6.42 -7.32 15.15
CA GLU A 653 6.25 -7.60 13.74
C GLU A 653 5.48 -6.49 13.04
N PHE A 654 5.63 -6.42 11.72
CA PHE A 654 4.95 -5.42 10.91
C PHE A 654 3.47 -5.29 11.23
N PRO A 655 2.69 -6.36 11.33
CA PRO A 655 1.26 -6.19 11.64
C PRO A 655 0.97 -5.75 13.07
N ASN A 656 1.97 -5.70 13.95
CA ASN A 656 1.73 -5.26 15.32
C ASN A 656 1.55 -3.76 15.45
N PHE A 657 1.74 -3.00 14.37
CA PHE A 657 1.69 -1.54 14.41
C PHE A 657 0.48 -1.03 13.64
N ASN A 658 -0.03 0.13 14.06
CA ASN A 658 -0.96 0.87 13.24
C ASN A 658 -0.36 1.10 11.86
N SER A 659 -1.21 1.29 10.86
CA SER A 659 -0.73 1.46 9.50
C SER A 659 0.17 2.69 9.39
N ARG A 660 1.26 2.54 8.66
CA ARG A 660 2.19 3.64 8.37
C ARG A 660 2.57 4.39 9.64
N SER A 661 3.03 3.66 10.64
CA SER A 661 3.44 4.28 11.89
C SER A 661 4.31 3.30 12.67
N LYS A 662 4.97 3.83 13.70
CA LYS A 662 5.75 3.04 14.64
C LYS A 662 5.06 2.97 16.00
N ASP A 663 3.74 3.11 16.02
CA ASP A 663 2.94 3.02 17.23
C ASP A 663 2.26 1.65 17.28
N LEU A 664 2.48 0.92 18.37
CA LEU A 664 1.92 -0.41 18.49
C LEU A 664 0.40 -0.36 18.60
N LEU A 665 -0.25 -1.43 18.16
CA LEU A 665 -1.66 -1.64 18.45
C LEU A 665 -1.86 -1.80 19.96
N GLY A 666 -3.10 -1.60 20.38
CA GLY A 666 -3.40 -1.62 21.82
C GLY A 666 -2.97 -2.91 22.48
N ARG A 667 -3.27 -4.05 21.86
CA ARG A 667 -2.92 -5.34 22.46
C ARG A 667 -1.46 -5.38 22.88
N PHE A 668 -0.57 -4.81 22.06
CA PHE A 668 0.86 -4.89 22.32
C PHE A 668 1.36 -3.74 23.18
N VAL A 669 0.66 -2.60 23.18
CA VAL A 669 0.92 -1.60 24.22
C VAL A 669 0.63 -2.19 25.59
N LEU A 670 -0.46 -2.94 25.70
CA LEU A 670 -0.81 -3.58 26.97
C LEU A 670 0.23 -4.63 27.37
N ALA A 671 0.63 -5.47 26.43
CA ALA A 671 1.64 -6.48 26.72
C ALA A 671 2.91 -5.85 27.26
N ARG A 672 3.43 -4.84 26.57
CA ARG A 672 4.68 -4.22 26.99
C ARG A 672 4.53 -3.56 28.36
N ARG A 673 3.39 -2.91 28.60
CA ARG A 673 3.15 -2.30 29.90
CA ARG A 673 3.14 -2.30 29.91
C ARG A 673 3.19 -3.34 31.01
N HIS A 674 2.64 -4.54 30.75
CA HIS A 674 2.65 -5.58 31.76
C HIS A 674 4.04 -6.14 32.00
N ILE A 675 4.81 -6.38 30.93
CA ILE A 675 6.13 -6.95 31.11
C ILE A 675 7.01 -6.00 31.92
N VAL A 676 6.86 -4.70 31.67
CA VAL A 676 7.58 -3.72 32.48
C VAL A 676 7.12 -3.78 33.92
N ALA A 677 5.81 -3.73 34.14
CA ALA A 677 5.26 -3.82 35.48
C ALA A 677 5.68 -5.11 36.19
N ALA A 678 6.02 -6.15 35.43
CA ALA A 678 6.51 -7.40 36.00
C ALA A 678 7.98 -7.33 36.40
N GLY A 679 8.60 -6.16 36.32
CA GLY A 679 9.98 -6.00 36.72
C GLY A 679 11.00 -6.30 35.65
N PHE A 680 10.63 -6.25 34.38
CA PHE A 680 11.55 -6.54 33.28
C PHE A 680 12.06 -5.24 32.67
N LEU A 681 13.35 -5.22 32.35
CA LEU A 681 13.89 -4.23 31.45
C LEU A 681 13.70 -4.74 30.02
N ILE A 682 13.27 -3.85 29.13
CA ILE A 682 12.80 -4.24 27.81
C ILE A 682 13.91 -4.01 26.78
N VAL A 683 14.15 -5.03 25.97
CA VAL A 683 14.90 -4.89 24.72
C VAL A 683 13.88 -5.06 23.61
N ASP A 684 13.45 -3.94 23.02
CA ASP A 684 12.54 -3.97 21.88
C ASP A 684 13.30 -4.37 20.62
N VAL A 685 12.75 -5.31 19.88
CA VAL A 685 13.33 -5.73 18.60
C VAL A 685 12.28 -5.55 17.51
N PRO A 686 12.04 -4.32 17.05
CA PRO A 686 11.07 -4.12 15.96
C PRO A 686 11.65 -4.53 14.62
N PHE A 687 10.75 -4.96 13.73
CA PHE A 687 11.18 -5.48 12.43
C PHE A 687 12.02 -4.46 11.66
N TYR A 688 11.65 -3.18 11.73
CA TYR A 688 12.34 -2.19 10.89
C TYR A 688 13.74 -1.88 11.39
N GLU A 689 14.02 -2.09 12.68
CA GLU A 689 15.41 -1.99 13.15
C GLU A 689 16.21 -3.21 12.71
N TRP A 690 15.65 -4.40 12.92
CA TRP A 690 16.32 -5.63 12.51
C TRP A 690 16.59 -5.64 11.02
N LEU A 691 15.73 -4.99 10.23
CA LEU A 691 15.87 -5.03 8.78
C LEU A 691 17.12 -4.30 8.31
N GLU A 692 17.58 -3.30 9.07
CA GLU A 692 18.79 -2.58 8.67
CA GLU A 692 18.80 -2.55 8.74
C GLU A 692 20.07 -3.35 9.02
N LEU A 693 19.97 -4.47 9.70
CA LEU A 693 21.13 -5.29 10.07
C LEU A 693 21.27 -6.39 9.02
N LYS A 694 22.25 -6.23 8.13
CA LYS A 694 22.40 -7.11 6.98
C LYS A 694 23.38 -8.23 7.22
N SER A 695 24.10 -8.24 8.34
CA SER A 695 25.08 -9.26 8.63
C SER A 695 24.81 -9.81 10.02
N GLU A 696 25.32 -11.02 10.26
CA GLU A 696 25.16 -11.62 11.58
C GLU A 696 25.90 -10.82 12.65
N TRP A 697 27.10 -10.31 12.32
CA TRP A 697 27.83 -9.52 13.28
C TRP A 697 27.03 -8.29 13.73
N GLN A 698 26.38 -7.61 12.77
CA GLN A 698 25.56 -6.47 13.12
C GLN A 698 24.45 -6.85 14.08
N LYS A 699 23.85 -8.02 13.87
CA LYS A 699 22.72 -8.44 14.69
C LYS A 699 23.17 -8.73 16.12
N GLY A 700 24.31 -9.39 16.29
CA GLY A 700 24.85 -9.60 17.62
C GLY A 700 25.23 -8.29 18.29
N ALA A 701 25.87 -7.39 17.55
CA ALA A 701 26.29 -6.13 18.13
C ALA A 701 25.10 -5.26 18.52
N TYR A 702 24.02 -5.34 17.73
CA TYR A 702 22.84 -4.54 18.03
C TYR A 702 22.15 -5.02 19.29
N LEU A 703 22.07 -6.34 19.48
CA LEU A 703 21.40 -6.86 20.68
C LEU A 703 22.21 -6.56 21.93
N LYS A 704 23.54 -6.68 21.85
CA LYS A 704 24.36 -6.36 23.01
C LYS A 704 24.29 -4.88 23.36
N ASP A 705 24.24 -4.02 22.35
CA ASP A 705 24.07 -2.60 22.61
C ASP A 705 22.74 -2.31 23.28
N LYS A 706 21.66 -2.92 22.79
CA LYS A 706 20.34 -2.68 23.37
C LYS A 706 20.29 -3.14 24.83
N MET A 707 20.88 -4.29 25.13
CA MET A 707 20.96 -4.75 26.51
C MET A 707 21.69 -3.72 27.38
N ARG A 708 22.87 -3.30 26.93
CA ARG A 708 23.64 -2.31 27.70
C ARG A 708 22.84 -1.03 27.88
N LYS A 709 22.18 -0.56 26.82
CA LYS A 709 21.43 0.69 26.90
C LYS A 709 20.25 0.58 27.85
N ALA A 710 19.53 -0.55 27.81
CA ALA A 710 18.41 -0.74 28.72
C ALA A 710 18.88 -0.70 30.17
N VAL A 711 19.99 -1.36 30.47
CA VAL A 711 20.51 -1.35 31.83
C VAL A 711 20.94 0.05 32.23
N ALA A 712 21.53 0.81 31.30
CA ALA A 712 21.96 2.16 31.61
C ALA A 712 20.77 3.11 31.73
N GLU A 713 19.75 2.90 30.91
CA GLU A 713 18.51 3.66 31.07
C GLU A 713 17.96 3.51 32.48
N GLU A 714 17.99 2.28 33.01
CA GLU A 714 17.47 2.03 34.34
C GLU A 714 18.28 2.78 35.40
N LEU A 715 19.59 2.58 35.42
CA LEU A 715 20.42 3.24 36.42
C LEU A 715 20.20 4.75 36.43
N ALA A 716 19.92 5.33 35.27
CA ALA A 716 19.57 6.75 35.22
C ALA A 716 18.18 6.99 35.79
N LYS A 717 17.26 6.02 35.66
CA LYS A 717 15.95 6.17 36.27
C LYS A 717 16.06 6.34 37.78
N LEU A 718 17.00 5.64 38.41
CA LEU A 718 17.09 5.60 39.86
C LEU A 718 17.79 6.83 40.42
N GLU A 719 17.67 7.96 39.74
CA GLU A 719 18.36 9.17 40.15
C GLU A 719 17.54 10.42 39.79
#